data_1UZZ
#
_entry.id   1UZZ
#
_cell.length_a   55.280
_cell.length_b   55.370
_cell.length_c   86.930
_cell.angle_alpha   86.23
_cell.angle_beta   75.37
_cell.angle_gamma   82.13
#
_symmetry.space_group_name_H-M   'P 1'
#
loop_
_entity.id
_entity.type
_entity.pdbx_description
1 polymer Lectin
2 non-polymer GLYCEROL
3 non-polymer 'CALCIUM ION'
4 non-polymer 'MANGANESE (II) ION'
5 water water
#
_entity_poly.entity_id   1
_entity_poly.type   'polypeptide(L)'
_entity_poly.pdbx_seq_one_letter_code
;VETISFSFSEFEPGNNDLTLQGAAIITQSGVLQLTKINQNGMPAWDSTGRTLYTKPVHIWDMTTGTVASFETRFSFSIEQ
PYTRPLPADGLVFFMGPTKSKPAQGYGYLGVFNNSKQDNSYQTLAVEFDTFSNPWDPPQVPHIGIDVNSIRSIKTQPFQL
DNGQVANVVIKYDASSKILLAVLVYPSSGAIYTIAEIVDVKQVLPEWVDVGLSGATGAQRDAAETHDVYSWSFHASLPET
ND
;
_entity_poly.pdbx_strand_id   A,B,C,D
#
loop_
_chem_comp.id
_chem_comp.type
_chem_comp.name
_chem_comp.formula
CA non-polymer 'CALCIUM ION' 'Ca 2'
GOL non-polymer GLYCEROL 'C3 H8 O3'
MN non-polymer 'MANGANESE (II) ION' 'Mn 2'
#
# COMPACT_ATOMS: atom_id res chain seq x y z
N VAL A 1 -33.99 21.17 15.17
CA VAL A 1 -33.21 21.96 14.18
C VAL A 1 -33.63 21.63 12.75
N GLU A 2 -33.98 22.66 11.98
CA GLU A 2 -34.36 22.48 10.59
C GLU A 2 -33.16 22.84 9.73
N THR A 3 -32.61 21.86 9.04
CA THR A 3 -31.45 22.08 8.22
C THR A 3 -31.69 21.68 6.78
N ILE A 4 -31.02 22.37 5.86
CA ILE A 4 -31.12 22.08 4.45
C ILE A 4 -29.76 22.35 3.84
N SER A 5 -29.40 21.58 2.82
CA SER A 5 -28.12 21.78 2.18
C SER A 5 -28.01 21.04 0.86
N PHE A 6 -27.21 21.60 -0.03
CA PHE A 6 -26.97 21.01 -1.34
C PHE A 6 -25.56 21.39 -1.78
N SER A 7 -25.00 20.60 -2.68
CA SER A 7 -23.65 20.87 -3.17
C SER A 7 -23.44 20.33 -4.56
N PHE A 8 -23.22 21.24 -5.51
CA PHE A 8 -22.99 20.87 -6.90
C PHE A 8 -21.50 21.10 -7.17
N SER A 9 -20.70 20.04 -7.14
CA SER A 9 -19.28 20.18 -7.42
C SER A 9 -19.16 20.59 -8.88
N GLU A 10 -20.22 20.31 -9.62
CA GLU A 10 -20.35 20.66 -11.04
C GLU A 10 -21.85 20.66 -11.35
N PHE A 11 -22.23 21.13 -12.53
CA PHE A 11 -23.62 21.17 -12.94
C PHE A 11 -23.89 20.15 -14.04
N GLU A 12 -25.10 19.61 -14.06
CA GLU A 12 -25.46 18.63 -15.09
C GLU A 12 -26.80 18.96 -15.73
N PRO A 13 -26.86 18.95 -17.06
CA PRO A 13 -28.10 19.26 -17.77
C PRO A 13 -29.14 18.20 -17.39
N GLY A 14 -30.35 18.64 -17.07
CA GLY A 14 -31.39 17.69 -16.72
C GLY A 14 -31.67 17.54 -15.24
N ASN A 15 -30.66 17.70 -14.39
CA ASN A 15 -30.87 17.57 -12.95
C ASN A 15 -31.94 18.57 -12.57
N ASN A 16 -33.06 18.08 -12.06
CA ASN A 16 -34.18 18.94 -11.69
C ASN A 16 -34.12 19.59 -10.30
N ASP A 17 -32.95 19.55 -9.65
CA ASP A 17 -32.82 20.20 -8.35
C ASP A 17 -32.65 21.70 -8.60
N LEU A 18 -32.26 22.04 -9.82
CA LEU A 18 -32.05 23.44 -10.20
C LEU A 18 -32.99 23.92 -11.29
N THR A 19 -33.66 25.04 -11.04
CA THR A 19 -34.55 25.65 -12.01
C THR A 19 -33.77 26.69 -12.80
N LEU A 20 -33.81 26.60 -14.13
CA LEU A 20 -33.12 27.56 -14.98
C LEU A 20 -34.17 28.54 -15.48
N GLN A 21 -33.85 29.83 -15.47
CA GLN A 21 -34.79 30.85 -15.92
C GLN A 21 -34.09 31.79 -16.87
N GLY A 22 -34.85 32.36 -17.81
CA GLY A 22 -34.27 33.28 -18.77
C GLY A 22 -33.28 32.59 -19.70
N ALA A 23 -32.12 33.20 -19.89
CA ALA A 23 -31.08 32.67 -20.79
C ALA A 23 -30.13 31.61 -20.21
N ALA A 24 -30.16 31.42 -18.91
CA ALA A 24 -29.28 30.44 -18.25
C ALA A 24 -29.37 29.02 -18.81
N ILE A 25 -28.22 28.41 -19.07
CA ILE A 25 -28.20 27.03 -19.56
C ILE A 25 -27.01 26.29 -18.97
N ILE A 26 -27.15 24.99 -18.81
CA ILE A 26 -26.07 24.17 -18.31
C ILE A 26 -25.45 23.48 -19.51
N THR A 27 -24.17 23.72 -19.75
CA THR A 27 -23.50 23.10 -20.88
C THR A 27 -23.16 21.63 -20.61
N GLN A 28 -22.91 20.90 -21.68
CA GLN A 28 -22.55 19.49 -21.60
C GLN A 28 -21.32 19.32 -20.69
N SER A 29 -20.42 20.30 -20.75
CA SER A 29 -19.20 20.27 -19.94
C SER A 29 -19.49 20.50 -18.46
N GLY A 30 -20.76 20.76 -18.16
CA GLY A 30 -21.16 20.97 -16.77
C GLY A 30 -21.00 22.37 -16.23
N VAL A 31 -20.91 23.34 -17.12
CA VAL A 31 -20.75 24.73 -16.73
C VAL A 31 -22.09 25.48 -16.82
N LEU A 32 -22.37 26.32 -15.85
CA LEU A 32 -23.61 27.09 -15.84
C LEU A 32 -23.34 28.47 -16.45
N GLN A 33 -23.93 28.69 -17.62
CA GLN A 33 -23.78 29.96 -18.35
C GLN A 33 -25.04 30.76 -18.07
N LEU A 34 -24.95 31.66 -17.09
CA LEU A 34 -26.09 32.50 -16.71
C LEU A 34 -26.55 33.40 -17.83
N THR A 35 -25.60 33.89 -18.63
CA THR A 35 -25.94 34.76 -19.75
C THR A 35 -25.54 34.12 -21.08
N LYS A 36 -26.38 34.31 -22.08
CA LYS A 36 -26.19 33.74 -23.41
C LYS A 36 -24.81 33.85 -24.05
N ILE A 37 -24.30 32.71 -24.50
CA ILE A 37 -23.04 32.67 -25.19
C ILE A 37 -23.43 32.33 -26.63
N ASN A 38 -23.17 33.26 -27.54
CA ASN A 38 -23.52 33.07 -28.94
C ASN A 38 -22.79 31.92 -29.60
N GLN A 39 -23.12 31.69 -30.88
CA GLN A 39 -22.52 30.60 -31.64
C GLN A 39 -21.07 30.87 -32.01
N ASN A 40 -20.71 32.15 -32.13
CA ASN A 40 -19.34 32.53 -32.47
C ASN A 40 -18.44 32.42 -31.24
N GLY A 41 -19.02 32.03 -30.11
CA GLY A 41 -18.24 31.85 -28.89
C GLY A 41 -18.15 33.05 -27.97
N MET A 42 -18.85 34.13 -28.28
CA MET A 42 -18.81 35.34 -27.45
C MET A 42 -20.12 35.60 -26.72
N PRO A 43 -20.04 36.37 -25.61
CA PRO A 43 -21.22 36.71 -24.81
C PRO A 43 -22.15 37.71 -25.47
N ALA A 44 -23.44 37.38 -25.50
CA ALA A 44 -24.44 38.26 -26.10
C ALA A 44 -24.91 39.34 -25.13
N TRP A 45 -25.14 40.53 -25.67
CA TRP A 45 -25.62 41.65 -24.86
C TRP A 45 -27.13 41.47 -24.69
N ASP A 46 -27.73 42.28 -23.84
CA ASP A 46 -29.17 42.23 -23.60
C ASP A 46 -29.62 40.82 -23.19
N SER A 47 -28.85 40.17 -22.33
CA SER A 47 -29.19 38.83 -21.88
C SER A 47 -29.28 38.79 -20.37
N THR A 48 -30.24 38.03 -19.87
CA THR A 48 -30.44 37.90 -18.43
C THR A 48 -30.84 36.47 -18.14
N GLY A 49 -30.18 35.87 -17.15
CA GLY A 49 -30.48 34.50 -16.79
C GLY A 49 -30.20 34.24 -15.33
N ARG A 50 -30.84 33.21 -14.79
CA ARG A 50 -30.64 32.83 -13.41
C ARG A 50 -31.03 31.39 -13.17
N THR A 51 -30.63 30.90 -12.01
CA THR A 51 -30.94 29.54 -11.60
C THR A 51 -31.39 29.65 -10.15
N LEU A 52 -32.40 28.86 -9.79
CA LEU A 52 -32.93 28.86 -8.43
C LEU A 52 -32.88 27.44 -7.92
N TYR A 53 -32.66 27.26 -6.61
CA TYR A 53 -32.66 25.91 -6.08
C TYR A 53 -34.15 25.58 -5.97
N THR A 54 -34.52 24.39 -6.41
CA THR A 54 -35.92 23.94 -6.43
C THR A 54 -36.67 23.95 -5.11
N LYS A 55 -36.00 23.66 -4.01
CA LYS A 55 -36.67 23.63 -2.72
C LYS A 55 -36.46 24.94 -1.96
N PRO A 56 -37.49 25.41 -1.24
CA PRO A 56 -37.42 26.64 -0.45
C PRO A 56 -36.66 26.41 0.85
N VAL A 57 -36.13 27.48 1.43
CA VAL A 57 -35.37 27.40 2.67
C VAL A 57 -36.07 28.10 3.83
N HIS A 58 -36.17 27.44 4.98
CA HIS A 58 -36.80 28.04 6.15
C HIS A 58 -35.77 28.90 6.84
N ILE A 59 -35.79 30.20 6.54
CA ILE A 59 -34.83 31.15 7.07
C ILE A 59 -35.17 31.69 8.47
N TRP A 60 -36.45 31.88 8.77
CA TRP A 60 -36.85 32.32 10.11
C TRP A 60 -38.29 31.95 10.43
N ASP A 61 -38.62 31.92 11.72
CA ASP A 61 -39.96 31.54 12.18
C ASP A 61 -40.60 32.63 13.04
N MET A 62 -41.68 33.20 12.54
CA MET A 62 -42.39 34.29 13.21
C MET A 62 -42.82 33.94 14.64
N THR A 63 -43.44 32.77 14.81
CA THR A 63 -43.92 32.34 16.11
C THR A 63 -42.84 32.24 17.18
N THR A 64 -41.81 31.44 16.91
CA THR A 64 -40.73 31.26 17.88
C THR A 64 -39.70 32.39 17.85
N GLY A 65 -39.67 33.13 16.74
CA GLY A 65 -38.71 34.21 16.62
C GLY A 65 -37.30 33.75 16.28
N THR A 66 -37.12 32.44 16.09
CA THR A 66 -35.79 31.90 15.77
C THR A 66 -35.35 32.30 14.36
N VAL A 67 -34.05 32.51 14.19
CA VAL A 67 -33.47 32.91 12.91
C VAL A 67 -32.35 31.97 12.49
N ALA A 68 -32.35 31.59 11.22
CA ALA A 68 -31.35 30.66 10.69
C ALA A 68 -30.03 31.30 10.31
N SER A 69 -28.97 30.53 10.49
CA SER A 69 -27.63 30.96 10.10
C SER A 69 -27.38 30.17 8.82
N PHE A 70 -26.65 30.74 7.88
CA PHE A 70 -26.38 30.02 6.64
C PHE A 70 -25.05 30.39 6.01
N GLU A 71 -24.70 29.64 4.97
CA GLU A 71 -23.45 29.84 4.25
C GLU A 71 -23.61 29.28 2.85
N THR A 72 -23.01 29.95 1.87
CA THR A 72 -23.08 29.49 0.51
C THR A 72 -21.74 29.77 -0.16
N ARG A 73 -21.32 28.88 -1.03
CA ARG A 73 -20.05 29.05 -1.73
C ARG A 73 -20.23 28.71 -3.20
N PHE A 74 -19.47 29.39 -4.05
CA PHE A 74 -19.53 29.14 -5.48
C PHE A 74 -18.32 29.68 -6.23
N SER A 75 -18.08 29.12 -7.40
CA SER A 75 -16.97 29.54 -8.25
C SER A 75 -17.55 30.05 -9.56
N PHE A 76 -17.04 31.18 -10.02
CA PHE A 76 -17.50 31.77 -11.26
C PHE A 76 -16.33 32.39 -12.01
N SER A 77 -16.57 32.76 -13.26
CA SER A 77 -15.54 33.43 -14.05
C SER A 77 -16.25 34.41 -14.96
N ILE A 78 -15.65 35.58 -15.13
CA ILE A 78 -16.20 36.60 -16.00
C ILE A 78 -15.14 36.98 -17.03
N GLU A 79 -15.49 36.89 -18.31
CA GLU A 79 -14.57 37.25 -19.37
C GLU A 79 -15.14 38.48 -20.08
N GLN A 80 -14.33 39.53 -20.17
CA GLN A 80 -14.72 40.78 -20.83
C GLN A 80 -13.88 40.85 -22.10
N PRO A 81 -14.46 40.45 -23.24
CA PRO A 81 -13.85 40.42 -24.57
C PRO A 81 -13.50 41.70 -25.30
N TYR A 82 -14.28 42.77 -25.09
CA TYR A 82 -14.02 44.03 -25.79
C TYR A 82 -13.51 45.18 -24.90
N THR A 83 -12.80 46.13 -25.51
CA THR A 83 -12.30 47.28 -24.78
C THR A 83 -13.41 48.33 -24.70
N ARG A 84 -14.30 48.30 -25.69
CA ARG A 84 -15.42 49.23 -25.73
C ARG A 84 -16.52 48.59 -26.58
N PRO A 85 -17.80 48.83 -26.22
CA PRO A 85 -18.22 49.64 -25.08
C PRO A 85 -17.78 48.96 -23.79
N LEU A 86 -18.05 49.59 -22.66
CA LEU A 86 -17.66 49.02 -21.38
C LEU A 86 -18.34 47.74 -21.19
N PRO A 87 -17.79 46.75 -20.42
CA PRO A 87 -18.45 45.70 -20.09
C PRO A 87 -19.58 45.86 -19.06
N ALA A 88 -20.50 44.96 -19.01
CA ALA A 88 -21.62 45.08 -18.07
C ALA A 88 -22.33 43.65 -18.08
N ASP A 89 -23.15 43.42 -17.00
CA ASP A 89 -23.43 44.25 -15.89
C ASP A 89 -22.97 43.57 -14.61
N GLY A 90 -23.05 42.32 -14.69
CA GLY A 90 -22.58 41.55 -13.45
C GLY A 90 -23.41 40.33 -13.11
N LEU A 91 -23.05 39.68 -12.08
CA LEU A 91 -23.82 38.58 -11.52
C LEU A 91 -24.06 38.75 -10.03
N VAL A 92 -24.92 37.92 -9.46
CA VAL A 92 -25.25 38.05 -8.04
C VAL A 92 -25.90 36.81 -7.41
N PHE A 93 -25.69 36.67 -6.10
CA PHE A 93 -26.29 35.58 -5.32
C PHE A 93 -27.44 36.26 -4.60
N PHE A 94 -28.62 35.65 -4.59
CA PHE A 94 -29.76 36.27 -3.93
C PHE A 94 -30.70 35.34 -3.17
N MET A 95 -31.35 35.91 -2.16
CA MET A 95 -32.32 35.21 -1.33
C MET A 95 -33.54 36.12 -1.30
N GLY A 96 -34.70 35.54 -1.61
CA GLY A 96 -35.93 36.32 -1.63
C GLY A 96 -37.18 35.46 -1.62
N PRO A 97 -38.36 36.03 -1.92
CA PRO A 97 -39.61 35.25 -1.93
C PRO A 97 -39.59 34.09 -2.93
N THR A 98 -40.28 33.01 -2.57
CA THR A 98 -40.37 31.86 -3.45
C THR A 98 -41.31 32.23 -4.58
N LYS A 99 -41.39 31.37 -5.59
CA LYS A 99 -42.28 31.60 -6.73
C LYS A 99 -41.88 32.87 -7.48
N SER A 100 -40.62 33.26 -7.42
CA SER A 100 -40.19 34.48 -8.12
C SER A 100 -39.66 34.16 -9.51
N LYS A 101 -39.76 35.16 -10.40
CA LYS A 101 -39.28 35.03 -11.76
C LYS A 101 -38.22 36.12 -11.93
N PRO A 102 -37.47 36.08 -13.03
CA PRO A 102 -36.46 37.12 -13.20
C PRO A 102 -37.05 38.52 -13.33
N ALA A 103 -36.48 39.48 -12.59
CA ALA A 103 -36.94 40.86 -12.63
C ALA A 103 -36.23 41.56 -13.79
N GLN A 104 -36.05 42.88 -13.66
CA GLN A 104 -35.37 43.65 -14.69
C GLN A 104 -33.91 43.24 -14.85
N GLY A 105 -33.40 43.28 -16.08
CA GLY A 105 -32.02 42.92 -16.34
C GLY A 105 -31.08 44.11 -16.26
N TYR A 106 -30.07 44.13 -17.13
CA TYR A 106 -29.10 45.21 -17.15
C TYR A 106 -28.56 45.43 -15.73
N GLY A 107 -28.36 46.70 -15.38
CA GLY A 107 -27.84 47.04 -14.06
C GLY A 107 -28.67 46.54 -12.88
N TYR A 108 -29.89 46.06 -13.12
CA TYR A 108 -30.73 45.55 -12.03
C TYR A 108 -30.42 44.07 -11.79
N LEU A 109 -29.55 43.53 -12.63
CA LEU A 109 -29.08 42.14 -12.53
C LEU A 109 -30.13 41.03 -12.45
N GLY A 110 -31.33 41.30 -12.97
CA GLY A 110 -32.38 40.29 -12.94
C GLY A 110 -32.99 40.05 -11.57
N VAL A 111 -32.66 40.91 -10.60
CA VAL A 111 -33.22 40.75 -9.25
C VAL A 111 -34.07 41.93 -8.80
N PHE A 112 -33.74 43.13 -9.26
CA PHE A 112 -34.53 44.30 -8.87
C PHE A 112 -35.28 44.90 -10.05
N ASN A 113 -36.16 45.86 -9.81
CA ASN A 113 -36.93 46.47 -10.89
C ASN A 113 -36.72 47.96 -11.07
N ASN A 114 -36.00 48.56 -10.14
CA ASN A 114 -35.71 49.98 -10.17
C ASN A 114 -34.54 50.18 -9.22
N SER A 115 -34.21 51.43 -8.92
CA SER A 115 -33.10 51.71 -8.01
C SER A 115 -33.59 52.20 -6.65
N LYS A 116 -34.82 51.81 -6.27
CA LYS A 116 -35.38 52.21 -4.99
C LYS A 116 -35.17 51.16 -3.91
N GLN A 117 -35.16 51.59 -2.66
CA GLN A 117 -35.02 50.65 -1.56
C GLN A 117 -36.45 50.42 -1.09
N ASP A 118 -37.03 49.33 -1.59
CA ASP A 118 -38.39 48.97 -1.28
C ASP A 118 -38.43 47.73 -0.41
N ASN A 119 -39.05 47.82 0.76
CA ASN A 119 -39.14 46.69 1.65
C ASN A 119 -39.89 45.53 1.00
N SER A 120 -40.75 45.85 0.04
CA SER A 120 -41.55 44.84 -0.66
C SER A 120 -40.68 43.87 -1.47
N TYR A 121 -39.42 44.25 -1.72
CA TYR A 121 -38.52 43.35 -2.46
C TYR A 121 -38.24 42.13 -1.58
N GLN A 122 -38.15 42.36 -0.27
CA GLN A 122 -37.87 41.30 0.70
C GLN A 122 -36.74 40.43 0.16
N THR A 123 -35.69 41.07 -0.34
CA THR A 123 -34.57 40.36 -0.92
C THR A 123 -33.24 40.82 -0.37
N LEU A 124 -32.36 39.85 -0.15
CA LEU A 124 -31.01 40.08 0.34
C LEU A 124 -30.12 39.50 -0.76
N ALA A 125 -29.02 40.18 -1.09
CA ALA A 125 -28.13 39.67 -2.14
C ALA A 125 -26.71 40.20 -2.07
N VAL A 126 -25.80 39.46 -2.69
CA VAL A 126 -24.40 39.84 -2.76
C VAL A 126 -24.06 39.88 -4.23
N GLU A 127 -23.79 41.07 -4.74
CA GLU A 127 -23.51 41.27 -6.14
C GLU A 127 -22.02 41.37 -6.42
N PHE A 128 -21.67 41.16 -7.68
CA PHE A 128 -20.31 41.27 -8.18
C PHE A 128 -20.60 42.06 -9.44
N ASP A 129 -20.62 43.36 -9.24
CA ASP A 129 -20.95 44.39 -10.20
C ASP A 129 -19.84 44.86 -11.13
N THR A 130 -20.02 44.65 -12.44
CA THR A 130 -19.01 45.02 -13.43
C THR A 130 -19.19 46.37 -14.15
N PHE A 131 -20.35 46.99 -14.03
CA PHE A 131 -20.61 48.27 -14.70
C PHE A 131 -21.02 49.30 -13.65
N SER A 132 -20.61 50.55 -13.82
CA SER A 132 -20.96 51.57 -12.84
C SER A 132 -22.17 52.41 -13.28
N ASN A 133 -23.33 52.10 -12.70
CA ASN A 133 -24.57 52.85 -12.99
C ASN A 133 -24.59 54.10 -12.11
N PRO A 134 -25.60 54.97 -12.28
CA PRO A 134 -25.70 56.19 -11.48
C PRO A 134 -25.79 55.98 -9.97
N TRP A 135 -26.32 54.84 -9.54
CA TRP A 135 -26.46 54.53 -8.11
C TRP A 135 -25.26 53.77 -7.54
N ASP A 136 -24.25 53.51 -8.36
CA ASP A 136 -23.07 52.76 -7.95
C ASP A 136 -21.85 53.58 -7.57
N PRO A 137 -20.90 52.95 -6.87
CA PRO A 137 -19.68 53.69 -6.52
C PRO A 137 -18.99 53.73 -7.88
N PRO A 138 -18.03 54.64 -8.08
CA PRO A 138 -17.34 54.72 -9.38
C PRO A 138 -16.48 53.52 -9.79
N GLN A 139 -15.90 52.82 -8.83
CA GLN A 139 -15.04 51.68 -9.18
C GLN A 139 -15.77 50.36 -9.47
N VAL A 140 -15.39 49.73 -10.58
CA VAL A 140 -15.93 48.44 -10.98
C VAL A 140 -14.74 47.64 -11.48
N PRO A 141 -14.75 46.32 -11.27
CA PRO A 141 -15.85 45.66 -10.56
C PRO A 141 -15.81 45.88 -9.06
N HIS A 142 -16.94 45.63 -8.42
CA HIS A 142 -17.02 45.76 -6.97
C HIS A 142 -17.99 44.76 -6.37
N ILE A 143 -17.75 44.41 -5.12
CA ILE A 143 -18.63 43.49 -4.43
C ILE A 143 -19.57 44.41 -3.66
N GLY A 144 -20.79 43.95 -3.43
CA GLY A 144 -21.73 44.77 -2.71
C GLY A 144 -22.80 43.97 -1.97
N ILE A 145 -23.21 44.48 -0.83
CA ILE A 145 -24.25 43.84 -0.04
C ILE A 145 -25.53 44.64 -0.30
N ASP A 146 -26.52 43.96 -0.89
CA ASP A 146 -27.80 44.58 -1.24
C ASP A 146 -28.94 44.17 -0.33
N VAL A 147 -29.59 45.16 0.27
CA VAL A 147 -30.73 44.92 1.16
C VAL A 147 -31.96 45.63 0.61
N ASN A 148 -32.82 44.87 -0.09
CA ASN A 148 -34.05 45.42 -0.69
C ASN A 148 -33.77 46.56 -1.67
N SER A 149 -32.59 46.55 -2.28
CA SER A 149 -32.21 47.57 -3.25
C SER A 149 -30.94 47.23 -4.00
N ILE A 150 -30.85 47.72 -5.23
CA ILE A 150 -29.68 47.52 -6.06
C ILE A 150 -28.60 48.51 -5.59
N ARG A 151 -29.00 49.46 -4.75
CA ARG A 151 -28.07 50.46 -4.20
C ARG A 151 -27.48 49.87 -2.94
N SER A 152 -26.39 49.14 -3.09
CA SER A 152 -25.70 48.47 -1.99
C SER A 152 -25.54 49.32 -0.72
N ILE A 153 -25.69 48.68 0.43
CA ILE A 153 -25.52 49.39 1.69
C ILE A 153 -24.03 49.41 2.00
N LYS A 154 -23.26 48.63 1.23
CA LYS A 154 -21.81 48.57 1.38
C LYS A 154 -21.18 47.91 0.15
N THR A 155 -20.08 48.51 -0.32
CA THR A 155 -19.38 48.00 -1.48
C THR A 155 -17.89 47.81 -1.25
N GLN A 156 -17.29 46.96 -2.08
CA GLN A 156 -15.86 46.67 -1.98
C GLN A 156 -15.26 46.45 -3.38
N PRO A 157 -14.48 47.42 -3.86
CA PRO A 157 -13.88 47.26 -5.19
C PRO A 157 -12.90 46.09 -5.22
N PHE A 158 -12.73 45.50 -6.40
CA PHE A 158 -11.77 44.41 -6.55
C PHE A 158 -11.35 44.39 -8.02
N GLN A 159 -10.19 43.79 -8.29
CA GLN A 159 -9.73 43.72 -9.67
C GLN A 159 -10.18 42.41 -10.29
N LEU A 160 -10.63 42.49 -11.53
CA LEU A 160 -11.08 41.31 -12.21
C LEU A 160 -9.85 40.63 -12.79
N ASP A 161 -9.78 39.31 -12.68
CA ASP A 161 -8.68 38.56 -13.29
C ASP A 161 -9.45 37.93 -14.44
N ASN A 162 -9.34 38.55 -15.61
CA ASN A 162 -10.07 38.11 -16.79
C ASN A 162 -10.07 36.63 -17.16
N GLY A 163 -11.26 36.05 -17.16
CA GLY A 163 -11.40 34.65 -17.51
C GLY A 163 -10.92 33.66 -16.46
N GLN A 164 -10.41 34.16 -15.35
CA GLN A 164 -9.93 33.28 -14.29
C GLN A 164 -11.06 32.96 -13.30
N VAL A 165 -10.92 31.85 -12.59
CA VAL A 165 -11.95 31.42 -11.65
C VAL A 165 -11.86 32.08 -10.27
N ALA A 166 -12.97 32.66 -9.84
CA ALA A 166 -13.02 33.30 -8.52
C ALA A 166 -13.77 32.38 -7.56
N ASN A 167 -13.27 32.26 -6.34
CA ASN A 167 -13.90 31.44 -5.32
C ASN A 167 -14.61 32.36 -4.34
N VAL A 168 -15.92 32.19 -4.22
CA VAL A 168 -16.72 33.03 -3.33
C VAL A 168 -17.24 32.28 -2.12
N VAL A 169 -17.19 32.95 -0.97
CA VAL A 169 -17.69 32.38 0.27
C VAL A 169 -18.54 33.46 0.95
N ILE A 170 -19.80 33.14 1.19
CA ILE A 170 -20.73 34.07 1.84
C ILE A 170 -21.27 33.37 3.08
N LYS A 171 -21.20 34.03 4.22
CA LYS A 171 -21.70 33.44 5.46
C LYS A 171 -22.50 34.40 6.31
N TYR A 172 -23.58 33.90 6.90
CA TYR A 172 -24.44 34.71 7.74
C TYR A 172 -24.65 34.05 9.09
N ASP A 173 -24.23 34.75 10.15
CA ASP A 173 -24.40 34.27 11.51
C ASP A 173 -25.55 35.07 12.11
N ALA A 174 -26.66 34.39 12.38
CA ALA A 174 -27.84 35.05 12.91
C ALA A 174 -27.68 35.71 14.29
N SER A 175 -26.93 35.08 15.19
CA SER A 175 -26.75 35.65 16.52
C SER A 175 -26.07 37.01 16.50
N SER A 176 -25.14 37.20 15.56
CA SER A 176 -24.43 38.46 15.47
C SER A 176 -25.02 39.35 14.37
N LYS A 177 -25.87 38.77 13.54
CA LYS A 177 -26.49 39.50 12.44
C LYS A 177 -25.45 39.94 11.40
N ILE A 178 -24.28 39.31 11.43
CA ILE A 178 -23.21 39.63 10.48
C ILE A 178 -23.32 38.89 9.15
N LEU A 179 -23.24 39.64 8.06
CA LEU A 179 -23.26 39.05 6.72
C LEU A 179 -21.87 39.33 6.15
N LEU A 180 -21.13 38.27 5.89
CA LEU A 180 -19.79 38.38 5.35
C LEU A 180 -19.69 37.76 3.96
N ALA A 181 -18.84 38.35 3.12
CA ALA A 181 -18.61 37.84 1.77
C ALA A 181 -17.12 37.92 1.49
N VAL A 182 -16.57 36.86 0.89
CA VAL A 182 -15.14 36.81 0.56
C VAL A 182 -14.95 36.32 -0.87
N LEU A 183 -14.00 36.92 -1.58
CA LEU A 183 -13.68 36.51 -2.95
C LEU A 183 -12.18 36.22 -3.01
N VAL A 184 -11.83 35.07 -3.57
CA VAL A 184 -10.45 34.65 -3.71
C VAL A 184 -10.14 34.24 -5.14
N TYR A 185 -9.06 34.78 -5.70
CA TYR A 185 -8.62 34.43 -7.05
C TYR A 185 -7.42 33.51 -6.89
N PRO A 186 -7.62 32.19 -7.01
CA PRO A 186 -6.51 31.24 -6.86
C PRO A 186 -5.34 31.58 -7.77
N SER A 187 -5.65 32.06 -8.97
CA SER A 187 -4.63 32.41 -9.94
C SER A 187 -3.60 33.42 -9.43
N SER A 188 -4.09 34.50 -8.83
CA SER A 188 -3.22 35.56 -8.32
C SER A 188 -3.00 35.54 -6.82
N GLY A 189 -3.89 34.86 -6.10
CA GLY A 189 -3.78 34.82 -4.66
C GLY A 189 -4.55 35.96 -4.02
N ALA A 190 -5.11 36.84 -4.85
CA ALA A 190 -5.86 37.99 -4.37
C ALA A 190 -7.05 37.63 -3.49
N ILE A 191 -7.20 38.38 -2.39
CA ILE A 191 -8.29 38.16 -1.44
C ILE A 191 -9.04 39.48 -1.13
N TYR A 192 -10.35 39.46 -1.26
CA TYR A 192 -11.18 40.64 -0.98
C TYR A 192 -12.28 40.27 0.00
N THR A 193 -12.52 41.14 0.98
CA THR A 193 -13.56 40.86 1.96
C THR A 193 -14.50 42.04 2.11
N ILE A 194 -15.71 41.76 2.57
CA ILE A 194 -16.72 42.78 2.81
C ILE A 194 -17.71 42.19 3.82
N ALA A 195 -18.16 43.02 4.75
CA ALA A 195 -19.11 42.58 5.78
C ALA A 195 -20.00 43.72 6.23
N GLU A 196 -21.18 43.38 6.72
CA GLU A 196 -22.12 44.37 7.20
C GLU A 196 -23.19 43.71 8.07
N ILE A 197 -23.90 44.51 8.85
CA ILE A 197 -24.95 44.01 9.72
C ILE A 197 -26.23 43.91 8.92
N VAL A 198 -26.93 42.79 9.05
CA VAL A 198 -28.18 42.57 8.34
C VAL A 198 -29.09 41.71 9.20
N ASP A 199 -30.27 42.23 9.54
CA ASP A 199 -31.23 41.48 10.34
C ASP A 199 -32.23 40.86 9.37
N VAL A 200 -31.96 39.62 8.95
CA VAL A 200 -32.83 38.92 8.01
C VAL A 200 -34.31 38.96 8.37
N LYS A 201 -34.63 38.98 9.66
CA LYS A 201 -36.04 39.01 10.08
C LYS A 201 -36.74 40.31 9.67
N GLN A 202 -35.98 41.38 9.47
CA GLN A 202 -36.57 42.65 9.06
C GLN A 202 -36.62 42.74 7.53
N VAL A 203 -35.89 41.84 6.85
CA VAL A 203 -35.80 41.86 5.39
C VAL A 203 -36.55 40.78 4.62
N LEU A 204 -36.18 39.53 4.91
CA LEU A 204 -36.75 38.37 4.25
C LEU A 204 -38.02 37.78 4.82
N PRO A 205 -38.74 37.00 4.01
CA PRO A 205 -39.96 36.38 4.49
C PRO A 205 -39.48 35.10 5.20
N GLU A 206 -40.38 34.40 5.86
CA GLU A 206 -40.00 33.20 6.59
C GLU A 206 -39.39 32.13 5.69
N TRP A 207 -39.94 31.96 4.50
CA TRP A 207 -39.42 30.98 3.56
C TRP A 207 -38.89 31.72 2.34
N VAL A 208 -37.74 31.30 1.84
CA VAL A 208 -37.15 31.95 0.67
C VAL A 208 -36.54 30.98 -0.33
N ASP A 209 -36.27 31.49 -1.53
CA ASP A 209 -35.62 30.72 -2.57
C ASP A 209 -34.20 31.29 -2.62
N VAL A 210 -33.22 30.46 -2.92
CA VAL A 210 -31.85 30.94 -3.06
C VAL A 210 -31.45 30.70 -4.51
N GLY A 211 -30.77 31.67 -5.11
CA GLY A 211 -30.37 31.51 -6.50
C GLY A 211 -29.25 32.40 -6.96
N LEU A 212 -28.93 32.30 -8.24
CA LEU A 212 -27.88 33.09 -8.86
C LEU A 212 -28.49 33.74 -10.08
N SER A 213 -27.97 34.90 -10.46
CA SER A 213 -28.48 35.63 -11.62
C SER A 213 -27.35 36.42 -12.28
N GLY A 214 -27.44 36.57 -13.59
CA GLY A 214 -26.44 37.32 -14.33
C GLY A 214 -27.11 38.11 -15.44
N ALA A 215 -26.49 39.20 -15.86
CA ALA A 215 -27.05 40.01 -16.93
C ALA A 215 -25.98 40.75 -17.74
N THR A 216 -26.25 40.94 -19.03
CA THR A 216 -25.34 41.68 -19.88
C THR A 216 -25.95 43.06 -20.15
N GLY A 217 -25.21 43.91 -20.86
CA GLY A 217 -25.65 45.27 -21.11
C GLY A 217 -26.80 45.61 -22.03
N ALA A 218 -27.15 46.90 -22.03
CA ALA A 218 -28.25 47.44 -22.82
C ALA A 218 -27.85 47.90 -24.23
N GLN A 219 -26.56 47.86 -24.55
CA GLN A 219 -26.14 48.25 -25.89
C GLN A 219 -25.27 47.18 -26.51
N ARG A 220 -25.25 47.16 -27.85
CA ARG A 220 -24.48 46.18 -28.61
C ARG A 220 -23.07 45.95 -28.11
N ASP A 221 -22.74 44.69 -27.88
CA ASP A 221 -21.43 44.25 -27.39
C ASP A 221 -21.04 44.69 -25.98
N ALA A 222 -22.00 45.23 -25.22
CA ALA A 222 -21.70 45.59 -23.84
C ALA A 222 -22.07 44.30 -23.10
N ALA A 223 -21.13 43.37 -23.06
CA ALA A 223 -21.37 42.08 -22.43
C ALA A 223 -20.10 41.42 -21.94
N GLU A 224 -20.30 40.30 -21.25
CA GLU A 224 -19.20 39.54 -20.67
C GLU A 224 -19.83 38.20 -20.30
N THR A 225 -19.00 37.21 -19.99
CA THR A 225 -19.50 35.90 -19.60
C THR A 225 -19.87 35.94 -18.12
N HIS A 226 -20.74 35.04 -17.71
CA HIS A 226 -21.14 34.94 -16.32
C HIS A 226 -21.30 33.45 -16.04
N ASP A 227 -20.19 32.73 -16.11
CA ASP A 227 -20.20 31.29 -15.90
C ASP A 227 -19.95 30.89 -14.46
N VAL A 228 -20.69 29.88 -14.02
CA VAL A 228 -20.60 29.34 -12.66
C VAL A 228 -20.22 27.87 -12.77
N TYR A 229 -19.16 27.48 -12.06
CA TYR A 229 -18.68 26.12 -12.12
C TYR A 229 -19.18 25.21 -11.01
N SER A 230 -19.45 25.80 -9.84
CA SER A 230 -19.93 25.02 -8.70
C SER A 230 -20.74 25.89 -7.74
N TRP A 231 -21.56 25.25 -6.91
CA TRP A 231 -22.39 25.99 -5.96
C TRP A 231 -22.84 25.11 -4.80
N SER A 232 -22.59 25.59 -3.58
CA SER A 232 -22.98 24.88 -2.38
C SER A 232 -23.72 25.84 -1.44
N PHE A 233 -24.64 25.29 -0.64
CA PHE A 233 -25.42 26.09 0.29
C PHE A 233 -25.85 25.22 1.46
N HIS A 234 -25.98 25.85 2.62
CA HIS A 234 -26.37 25.18 3.85
C HIS A 234 -26.96 26.20 4.81
N ALA A 235 -28.07 25.83 5.44
CA ALA A 235 -28.75 26.71 6.40
C ALA A 235 -29.21 25.87 7.59
N SER A 236 -29.29 26.50 8.75
CA SER A 236 -29.71 25.80 9.95
C SER A 236 -30.61 26.68 10.80
N LEU A 237 -31.84 26.23 11.03
CA LEU A 237 -32.81 26.97 11.83
C LEU A 237 -32.88 26.39 13.23
N PRO A 238 -32.42 27.16 14.24
CA PRO A 238 -32.43 26.73 15.64
C PRO A 238 -33.80 26.27 16.12
N GLU A 239 -33.81 25.18 16.88
CA GLU A 239 -35.02 24.58 17.44
C GLU A 239 -35.94 24.02 16.37
N THR A 240 -36.27 24.75 15.41
N VAL B 1 -7.95 63.17 9.04
CA VAL B 1 -7.80 61.70 9.25
C VAL B 1 -6.36 61.32 9.57
N GLU B 2 -6.17 60.59 10.66
CA GLU B 2 -4.86 60.14 11.08
C GLU B 2 -4.67 58.71 10.61
N THR B 3 -3.66 58.49 9.78
CA THR B 3 -3.40 57.16 9.24
C THR B 3 -1.97 56.68 9.48
N ILE B 4 -1.81 55.36 9.57
CA ILE B 4 -0.49 54.77 9.74
C ILE B 4 -0.55 53.42 9.04
N SER B 5 0.53 53.04 8.38
CA SER B 5 0.57 51.78 7.69
C SER B 5 2.00 51.32 7.41
N PHE B 6 2.16 50.03 7.24
CA PHE B 6 3.47 49.47 6.94
C PHE B 6 3.25 48.20 6.15
N SER B 7 4.26 47.81 5.40
CA SER B 7 4.18 46.60 4.60
C SER B 7 5.54 45.97 4.41
N PHE B 8 5.70 44.76 4.92
CA PHE B 8 6.94 44.03 4.78
C PHE B 8 6.65 42.85 3.88
N SER B 9 7.10 42.93 2.63
CA SER B 9 6.90 41.83 1.68
C SER B 9 7.70 40.64 2.22
N GLU B 10 8.72 40.94 3.01
CA GLU B 10 9.56 39.95 3.65
C GLU B 10 10.14 40.64 4.86
N PHE B 11 10.59 39.87 5.84
CA PHE B 11 11.16 40.48 7.04
C PHE B 11 12.62 40.85 6.83
N GLU B 12 13.01 41.99 7.38
CA GLU B 12 14.37 42.51 7.24
C GLU B 12 15.14 42.50 8.55
N PRO B 13 16.23 41.73 8.62
CA PRO B 13 16.97 41.74 9.88
C PRO B 13 17.57 43.15 10.06
N GLY B 14 17.46 43.70 11.27
CA GLY B 14 18.02 45.02 11.50
C GLY B 14 17.12 46.22 11.26
N ASN B 15 15.95 46.02 10.66
CA ASN B 15 15.06 47.15 10.44
C ASN B 15 14.40 47.48 11.78
N ASN B 16 14.75 48.64 12.32
CA ASN B 16 14.25 49.11 13.62
C ASN B 16 12.74 49.33 13.73
N ASP B 17 12.03 49.26 12.60
CA ASP B 17 10.58 49.45 12.63
C ASP B 17 9.89 48.25 13.25
N LEU B 18 10.66 47.21 13.56
CA LEU B 18 10.11 46.02 14.20
C LEU B 18 10.98 45.66 15.39
N THR B 19 10.33 45.36 16.51
CA THR B 19 11.03 44.97 17.72
C THR B 19 10.81 43.47 17.90
N LEU B 20 11.89 42.74 18.15
CA LEU B 20 11.79 41.30 18.36
C LEU B 20 11.86 41.06 19.86
N GLN B 21 11.06 40.10 20.34
CA GLN B 21 11.04 39.79 21.76
C GLN B 21 11.12 38.28 21.96
N GLY B 22 11.75 37.88 23.06
CA GLY B 22 11.89 36.46 23.37
C GLY B 22 12.73 35.72 22.34
N ALA B 23 12.24 34.57 21.90
CA ALA B 23 12.96 33.74 20.94
C ALA B 23 12.85 34.21 19.49
N ALA B 24 11.95 35.15 19.23
CA ALA B 24 11.73 35.67 17.88
C ALA B 24 13.04 35.97 17.15
N ILE B 25 13.12 35.54 15.90
CA ILE B 25 14.32 35.75 15.09
C ILE B 25 13.98 35.91 13.61
N ILE B 26 14.67 36.84 12.96
CA ILE B 26 14.48 37.07 11.53
C ILE B 26 15.70 36.47 10.83
N THR B 27 15.47 35.48 9.96
CA THR B 27 16.56 34.83 9.27
C THR B 27 17.10 35.70 8.15
N GLN B 28 18.30 35.35 7.69
CA GLN B 28 18.96 36.09 6.62
C GLN B 28 18.10 35.99 5.35
N SER B 29 17.32 34.91 5.25
CA SER B 29 16.46 34.70 4.09
C SER B 29 15.16 35.50 4.14
N GLY B 30 14.98 36.29 5.21
CA GLY B 30 13.79 37.11 5.33
C GLY B 30 12.57 36.52 6.02
N VAL B 31 12.75 35.43 6.76
CA VAL B 31 11.62 34.81 7.44
C VAL B 31 11.66 35.06 8.95
N LEU B 32 10.50 35.40 9.52
CA LEU B 32 10.39 35.64 10.95
C LEU B 32 10.04 34.33 11.64
N GLN B 33 10.98 33.81 12.43
CA GLN B 33 10.76 32.58 13.19
C GLN B 33 10.34 33.01 14.59
N LEU B 34 9.04 32.99 14.86
CA LEU B 34 8.52 33.38 16.17
C LEU B 34 9.01 32.48 17.30
N THR B 35 9.07 31.18 17.05
CA THR B 35 9.56 30.25 18.05
C THR B 35 10.86 29.60 17.59
N LYS B 36 11.79 29.45 18.53
CA LYS B 36 13.09 28.89 18.23
C LYS B 36 13.14 27.59 17.41
N ILE B 37 13.99 27.57 16.40
CA ILE B 37 14.20 26.39 15.57
C ILE B 37 15.59 25.91 15.96
N ASN B 38 15.68 24.70 16.48
CA ASN B 38 16.95 24.14 16.93
C ASN B 38 18.00 23.97 15.84
N GLN B 39 19.22 23.66 16.28
CA GLN B 39 20.34 23.46 15.39
C GLN B 39 20.04 22.43 14.30
N ASN B 40 19.34 21.36 14.68
CA ASN B 40 18.98 20.29 13.75
C ASN B 40 17.81 20.66 12.85
N GLY B 41 17.45 21.94 12.85
CA GLY B 41 16.36 22.40 11.99
C GLY B 41 14.96 22.04 12.43
N MET B 42 14.79 21.70 13.70
CA MET B 42 13.47 21.35 14.21
C MET B 42 13.04 22.31 15.32
N PRO B 43 11.72 22.58 15.42
CA PRO B 43 11.14 23.49 16.41
C PRO B 43 11.36 23.06 17.86
N ALA B 44 11.87 23.98 18.67
CA ALA B 44 12.12 23.70 20.07
C ALA B 44 10.86 23.92 20.90
N TRP B 45 10.64 23.05 21.88
CA TRP B 45 9.49 23.20 22.76
C TRP B 45 9.83 24.28 23.78
N ASP B 46 8.89 24.59 24.67
CA ASP B 46 9.09 25.59 25.70
C ASP B 46 9.71 26.87 25.13
N SER B 47 9.15 27.37 24.03
CA SER B 47 9.66 28.59 23.41
C SER B 47 8.55 29.61 23.18
N THR B 48 8.89 30.89 23.33
CA THR B 48 7.93 31.98 23.13
C THR B 48 8.63 33.20 22.52
N GLY B 49 8.05 33.73 21.45
CA GLY B 49 8.63 34.88 20.79
C GLY B 49 7.58 35.78 20.17
N ARG B 50 7.87 37.06 20.06
CA ARG B 50 6.96 38.03 19.49
C ARG B 50 7.72 39.11 18.73
N THR B 51 6.96 39.88 17.96
CA THR B 51 7.51 41.01 17.25
C THR B 51 6.42 42.08 17.32
N LEU B 52 6.83 43.32 17.53
CA LEU B 52 5.90 44.43 17.65
C LEU B 52 6.31 45.52 16.67
N TYR B 53 5.33 46.18 16.04
CA TYR B 53 5.67 47.28 15.17
C TYR B 53 6.15 48.31 16.18
N THR B 54 7.29 48.93 15.92
CA THR B 54 7.87 49.88 16.85
C THR B 54 7.03 51.12 17.09
N LYS B 55 6.24 51.52 16.12
CA LYS B 55 5.39 52.70 16.25
C LYS B 55 3.98 52.37 16.72
N PRO B 56 3.51 53.09 17.74
CA PRO B 56 2.18 52.92 18.32
C PRO B 56 1.08 53.42 17.38
N VAL B 57 -0.06 52.73 17.43
CA VAL B 57 -1.20 53.07 16.58
C VAL B 57 -2.26 53.80 17.38
N HIS B 58 -2.77 54.90 16.82
CA HIS B 58 -3.82 55.66 17.48
C HIS B 58 -5.12 55.00 17.03
N ILE B 59 -5.66 54.13 17.87
CA ILE B 59 -6.87 53.39 17.51
C ILE B 59 -8.20 54.09 17.79
N TRP B 60 -8.27 54.93 18.82
CA TRP B 60 -9.49 55.70 19.10
C TRP B 60 -9.19 56.92 19.96
N ASP B 61 -10.07 57.92 19.86
CA ASP B 61 -9.87 59.16 20.60
C ASP B 61 -10.99 59.41 21.62
N MET B 62 -10.62 59.44 22.89
CA MET B 62 -11.56 59.65 23.99
C MET B 62 -12.33 60.97 23.87
N THR B 63 -11.61 62.05 23.59
CA THR B 63 -12.21 63.38 23.48
C THR B 63 -13.29 63.48 22.41
N THR B 64 -12.95 63.09 21.19
CA THR B 64 -13.86 63.16 20.07
C THR B 64 -14.76 61.93 19.96
N GLY B 65 -14.32 60.81 20.54
CA GLY B 65 -15.11 59.59 20.49
C GLY B 65 -15.01 58.84 19.17
N THR B 66 -14.03 59.19 18.35
CA THR B 66 -13.88 58.52 17.07
C THR B 66 -13.06 57.24 17.20
N VAL B 67 -13.37 56.27 16.35
CA VAL B 67 -12.69 54.97 16.34
C VAL B 67 -12.16 54.63 14.97
N ALA B 68 -10.92 54.16 14.91
CA ALA B 68 -10.30 53.81 13.65
C ALA B 68 -10.71 52.44 13.13
N SER B 69 -10.70 52.30 11.81
CA SER B 69 -11.00 51.02 11.18
C SER B 69 -9.60 50.55 10.80
N PHE B 70 -9.38 49.24 10.76
CA PHE B 70 -8.05 48.75 10.40
C PHE B 70 -8.06 47.42 9.69
N GLU B 71 -6.92 47.09 9.10
CA GLU B 71 -6.75 45.83 8.38
C GLU B 71 -5.31 45.39 8.46
N THR B 72 -5.10 44.09 8.60
CA THR B 72 -3.76 43.54 8.67
C THR B 72 -3.73 42.26 7.85
N ARG B 73 -2.62 42.04 7.16
CA ARG B 73 -2.49 40.84 6.35
C ARG B 73 -1.11 40.22 6.55
N PHE B 74 -1.06 38.90 6.58
CA PHE B 74 0.21 38.20 6.72
C PHE B 74 0.09 36.77 6.24
N SER B 75 1.23 36.19 5.89
CA SER B 75 1.30 34.82 5.44
C SER B 75 2.19 34.08 6.43
N PHE B 76 1.76 32.89 6.84
CA PHE B 76 2.51 32.12 7.82
C PHE B 76 2.47 30.64 7.51
N SER B 77 3.36 29.90 8.15
CA SER B 77 3.44 28.46 7.98
C SER B 77 3.67 27.79 9.32
N ILE B 78 2.98 26.68 9.55
CA ILE B 78 3.13 25.90 10.77
C ILE B 78 3.44 24.48 10.34
N GLU B 79 4.55 23.95 10.84
CA GLU B 79 4.97 22.61 10.51
C GLU B 79 5.00 21.79 11.79
N GLN B 80 4.17 20.75 11.85
CA GLN B 80 4.10 19.89 13.02
C GLN B 80 4.85 18.61 12.65
N PRO B 81 6.12 18.49 13.10
CA PRO B 81 7.02 17.37 12.83
C PRO B 81 6.77 16.01 13.48
N TYR B 82 6.17 15.98 14.66
CA TYR B 82 5.93 14.71 15.33
C TYR B 82 4.49 14.30 15.45
N THR B 83 4.26 12.98 15.49
CA THR B 83 2.91 12.47 15.63
C THR B 83 2.53 12.68 17.09
N ARG B 84 3.48 12.44 17.99
CA ARG B 84 3.27 12.62 19.42
C ARG B 84 4.55 13.14 20.06
N PRO B 85 4.45 13.93 21.13
CA PRO B 85 3.18 14.35 21.75
C PRO B 85 2.49 15.32 20.80
N LEU B 86 1.25 15.69 21.11
CA LEU B 86 0.51 16.60 20.25
C LEU B 86 1.24 17.92 20.06
N PRO B 87 1.09 18.35 19.03
CA PRO B 87 1.72 19.66 18.83
C PRO B 87 1.07 20.80 19.52
N ALA B 88 1.79 21.98 19.69
CA ALA B 88 1.29 23.05 20.41
C ALA B 88 2.27 24.22 20.15
N ASP B 89 1.81 25.49 20.39
CA ASP B 89 0.45 25.85 20.96
C ASP B 89 -0.29 26.72 19.97
N GLY B 90 0.54 27.50 19.09
CA GLY B 90 -0.06 28.33 18.09
C GLY B 90 0.73 29.76 18.08
N LEU B 91 0.15 30.53 17.16
CA LEU B 91 0.56 31.91 16.94
C LEU B 91 -0.66 32.82 16.88
N VAL B 92 -0.46 34.11 17.07
CA VAL B 92 -1.59 35.02 17.08
C VAL B 92 -1.23 36.47 16.76
N PHE B 93 -2.19 37.19 16.19
CA PHE B 93 -2.01 38.60 15.89
C PHE B 93 -2.67 39.33 17.07
N PHE B 94 -1.99 40.29 17.69
CA PHE B 94 -2.60 40.99 18.81
C PHE B 94 -2.41 42.51 18.81
N MET B 95 -3.30 43.17 19.55
CA MET B 95 -3.30 44.61 19.73
C MET B 95 -3.56 44.90 21.20
N GLY B 96 -2.76 45.77 21.80
CA GLY B 96 -2.94 46.07 23.20
C GLY B 96 -2.09 47.23 23.67
N PRO B 97 -1.90 47.38 24.98
CA PRO B 97 -1.08 48.46 25.54
C PRO B 97 0.28 48.56 24.87
N THR B 98 0.74 49.79 24.69
CA THR B 98 2.03 50.03 24.07
C THR B 98 3.17 49.54 24.95
N LYS B 99 4.29 49.24 24.30
CA LYS B 99 5.50 48.77 24.97
C LYS B 99 5.24 47.61 25.94
N SER B 100 4.40 46.67 25.52
CA SER B 100 4.10 45.51 26.35
C SER B 100 5.25 44.53 26.28
N LYS B 101 5.29 43.61 27.24
CA LYS B 101 6.33 42.59 27.27
C LYS B 101 5.65 41.23 27.10
N PRO B 102 6.39 40.23 26.61
CA PRO B 102 5.77 38.92 26.43
C PRO B 102 5.18 38.37 27.72
N ALA B 103 3.94 37.88 27.63
CA ALA B 103 3.23 37.33 28.78
C ALA B 103 3.57 35.85 28.92
N GLN B 104 2.67 35.09 29.53
CA GLN B 104 2.89 33.65 29.71
C GLN B 104 2.91 32.94 28.37
N GLY B 105 3.76 31.91 28.26
CA GLY B 105 3.84 31.17 27.01
C GLY B 105 2.83 30.04 26.97
N TYR B 106 3.17 28.98 26.25
CA TYR B 106 2.28 27.82 26.12
C TYR B 106 0.92 28.23 25.55
N GLY B 107 -0.13 27.64 26.09
CA GLY B 107 -1.48 27.96 25.64
C GLY B 107 -1.87 29.43 25.73
N TYR B 108 -1.08 30.24 26.40
CA TYR B 108 -1.40 31.66 26.52
C TYR B 108 -0.79 32.45 25.37
N LEU B 109 -0.17 31.74 24.45
CA LEU B 109 0.41 32.34 23.25
C LEU B 109 1.33 33.53 23.43
N GLY B 110 1.79 33.78 24.67
CA GLY B 110 2.67 34.90 24.93
C GLY B 110 1.92 36.22 25.07
N VAL B 111 0.60 36.17 25.00
CA VAL B 111 -0.21 37.38 25.09
C VAL B 111 -1.00 37.50 26.40
N PHE B 112 -1.39 36.38 26.99
CA PHE B 112 -2.16 36.42 28.23
C PHE B 112 -1.38 35.79 29.38
N ASN B 113 -1.87 35.96 30.61
CA ASN B 113 -1.19 35.38 31.77
C ASN B 113 -2.01 34.36 32.53
N ASN B 114 -3.28 34.20 32.14
CA ASN B 114 -4.17 33.22 32.75
C ASN B 114 -5.36 33.01 31.83
N SER B 115 -6.35 32.23 32.26
CA SER B 115 -7.52 31.99 31.43
C SER B 115 -8.77 32.75 31.87
N LYS B 116 -8.58 33.90 32.49
CA LYS B 116 -9.70 34.71 32.94
C LYS B 116 -9.97 35.86 31.96
N GLN B 117 -11.22 36.33 31.91
CA GLN B 117 -11.58 37.46 31.07
C GLN B 117 -11.37 38.68 31.95
N ASP B 118 -10.32 39.43 31.66
CA ASP B 118 -9.98 40.60 32.45
C ASP B 118 -9.91 41.85 31.59
N ASN B 119 -10.64 42.90 31.97
CA ASN B 119 -10.62 44.14 31.21
C ASN B 119 -9.27 44.85 31.28
N SER B 120 -8.47 44.49 32.28
CA SER B 120 -7.15 45.09 32.46
C SER B 120 -6.16 44.69 31.35
N TYR B 121 -6.49 43.64 30.61
CA TYR B 121 -5.63 43.18 29.51
C TYR B 121 -5.63 44.20 28.38
N GLN B 122 -6.79 44.82 28.18
CA GLN B 122 -6.98 45.80 27.11
C GLN B 122 -6.30 45.31 25.84
N THR B 123 -6.61 44.06 25.49
CA THR B 123 -6.03 43.42 24.31
C THR B 123 -7.10 42.77 23.43
N LEU B 124 -6.90 42.85 22.13
CA LEU B 124 -7.81 42.25 21.15
C LEU B 124 -6.86 41.39 20.34
N ALA B 125 -7.26 40.17 20.03
CA ALA B 125 -6.39 39.29 19.27
C ALA B 125 -7.11 38.27 18.41
N VAL B 126 -6.43 37.81 17.36
CA VAL B 126 -6.97 36.79 16.47
C VAL B 126 -5.93 35.68 16.56
N GLU B 127 -6.35 34.54 17.09
CA GLU B 127 -5.46 33.41 17.27
C GLU B 127 -5.62 32.29 16.25
N PHE B 128 -4.57 31.50 16.13
CA PHE B 128 -4.52 30.35 15.25
C PHE B 128 -3.91 29.33 16.18
N ASP B 129 -4.82 28.75 16.95
CA ASP B 129 -4.57 27.78 18.01
C ASP B 129 -4.40 26.33 17.59
N THR B 130 -3.27 25.73 17.95
CA THR B 130 -2.94 24.35 17.59
C THR B 130 -3.11 23.27 18.67
N PHE B 131 -3.28 23.66 19.92
CA PHE B 131 -3.45 22.69 21.00
C PHE B 131 -4.76 22.95 21.74
N SER B 132 -5.49 21.90 22.11
CA SER B 132 -6.74 22.13 22.81
C SER B 132 -6.56 22.18 24.32
N ASN B 133 -6.67 23.37 24.90
CA ASN B 133 -6.54 23.52 26.35
C ASN B 133 -7.93 23.36 26.96
N PRO B 134 -8.02 23.31 28.31
CA PRO B 134 -9.32 23.13 28.95
C PRO B 134 -10.37 24.18 28.56
N TRP B 135 -9.92 25.38 28.25
CA TRP B 135 -10.83 26.47 27.87
C TRP B 135 -11.14 26.50 26.38
N ASP B 136 -10.51 25.62 25.61
CA ASP B 136 -10.73 25.58 24.16
C ASP B 136 -11.77 24.59 23.68
N PRO B 137 -12.29 24.81 22.46
CA PRO B 137 -13.27 23.90 21.89
C PRO B 137 -12.45 22.64 21.62
N PRO B 138 -13.10 21.51 21.32
CA PRO B 138 -12.31 20.31 21.06
C PRO B 138 -11.52 20.30 19.75
N GLN B 139 -12.07 20.95 18.72
CA GLN B 139 -11.43 20.98 17.42
C GLN B 139 -10.14 21.81 17.36
N VAL B 140 -9.12 21.22 16.75
CA VAL B 140 -7.82 21.86 16.60
C VAL B 140 -7.19 21.42 15.27
N PRO B 141 -6.55 22.37 14.54
CA PRO B 141 -6.42 23.76 14.96
C PRO B 141 -7.71 24.55 14.75
N HIS B 142 -7.75 25.76 15.28
CA HIS B 142 -8.90 26.62 15.11
C HIS B 142 -8.51 28.08 15.17
N ILE B 143 -9.30 28.89 14.49
CA ILE B 143 -9.10 30.32 14.49
C ILE B 143 -9.97 30.78 15.65
N GLY B 144 -9.57 31.85 16.32
CA GLY B 144 -10.37 32.34 17.42
C GLY B 144 -10.23 33.84 17.60
N ILE B 145 -11.33 34.48 17.96
CA ILE B 145 -11.32 35.91 18.21
C ILE B 145 -11.26 36.07 19.72
N ASP B 146 -10.19 36.69 20.20
CA ASP B 146 -9.97 36.88 21.64
C ASP B 146 -10.13 38.34 22.09
N VAL B 147 -11.04 38.56 23.03
CA VAL B 147 -11.31 39.88 23.58
C VAL B 147 -11.01 39.85 25.08
N ASN B 148 -9.86 40.39 25.47
CA ASN B 148 -9.45 40.41 26.87
C ASN B 148 -9.42 39.02 27.54
N SER B 149 -9.14 38.00 26.74
CA SER B 149 -9.09 36.64 27.28
C SER B 149 -8.63 35.64 26.23
N ILE B 150 -7.98 34.58 26.69
CA ILE B 150 -7.50 33.52 25.83
C ILE B 150 -8.73 32.67 25.45
N ARG B 151 -9.82 32.85 26.21
CA ARG B 151 -11.07 32.14 25.98
C ARG B 151 -11.84 32.88 24.89
N SER B 152 -11.74 32.39 23.66
CA SER B 152 -12.39 33.04 22.52
C SER B 152 -13.89 33.25 22.63
N ILE B 153 -14.34 34.42 22.17
CA ILE B 153 -15.76 34.73 22.17
C ILE B 153 -16.37 34.00 20.97
N LYS B 154 -15.51 33.49 20.09
CA LYS B 154 -15.95 32.75 18.91
C LYS B 154 -14.78 32.04 18.23
N THR B 155 -15.00 30.80 17.82
CA THR B 155 -13.97 30.02 17.17
C THR B 155 -14.42 29.38 15.86
N GLN B 156 -13.45 29.01 15.03
CA GLN B 156 -13.73 28.37 13.75
C GLN B 156 -12.63 27.36 13.41
N PRO B 157 -12.96 26.06 13.45
CA PRO B 157 -11.98 25.01 13.15
C PRO B 157 -11.49 25.09 11.70
N PHE B 158 -10.24 24.69 11.48
CA PHE B 158 -9.67 24.65 10.13
C PHE B 158 -8.62 23.56 10.09
N GLN B 159 -8.43 22.96 8.93
CA GLN B 159 -7.44 21.92 8.77
C GLN B 159 -6.10 22.53 8.43
N LEU B 160 -5.06 22.06 9.11
CA LEU B 160 -3.72 22.57 8.85
C LEU B 160 -3.11 21.83 7.68
N ASP B 161 -2.54 22.57 6.73
CA ASP B 161 -1.86 21.95 5.60
C ASP B 161 -0.40 22.06 6.01
N ASN B 162 0.06 21.04 6.72
CA ASN B 162 1.42 20.97 7.26
C ASN B 162 2.52 21.56 6.40
N GLY B 163 3.18 22.58 6.93
CA GLY B 163 4.28 23.23 6.22
C GLY B 163 3.89 24.13 5.06
N GLN B 164 2.60 24.21 4.75
CA GLN B 164 2.14 25.04 3.65
C GLN B 164 1.81 26.46 4.13
N VAL B 165 2.06 27.43 3.28
CA VAL B 165 1.81 28.84 3.61
C VAL B 165 0.32 29.22 3.62
N ALA B 166 -0.13 29.83 4.72
CA ALA B 166 -1.50 30.27 4.84
C ALA B 166 -1.53 31.78 4.72
N ASN B 167 -2.51 32.29 3.96
CA ASN B 167 -2.67 33.73 3.76
C ASN B 167 -3.81 34.18 4.68
N VAL B 168 -3.51 35.16 5.54
CA VAL B 168 -4.50 35.65 6.48
C VAL B 168 -4.87 37.11 6.24
N VAL B 169 -6.16 37.40 6.37
CA VAL B 169 -6.66 38.76 6.22
C VAL B 169 -7.58 39.05 7.41
N ILE B 170 -7.30 40.15 8.11
CA ILE B 170 -8.08 40.57 9.27
C ILE B 170 -8.53 42.01 9.06
N LYS B 171 -9.81 42.26 9.22
CA LYS B 171 -10.33 43.61 9.02
C LYS B 171 -11.35 44.02 10.07
N TYR B 172 -11.23 45.27 10.52
CA TYR B 172 -12.14 45.83 11.50
C TYR B 172 -12.77 47.11 10.98
N ASP B 173 -14.09 47.11 10.91
CA ASP B 173 -14.83 48.28 10.45
C ASP B 173 -15.47 48.90 11.70
N ALA B 174 -14.99 50.07 12.11
CA ALA B 174 -15.49 50.72 13.30
C ALA B 174 -16.97 51.11 13.27
N SER B 175 -17.50 51.44 12.10
CA SER B 175 -18.91 51.84 12.03
C SER B 175 -19.86 50.69 12.35
N SER B 176 -19.56 49.50 11.83
CA SER B 176 -20.40 48.33 12.08
C SER B 176 -19.89 47.52 13.28
N LYS B 177 -18.69 47.84 13.75
CA LYS B 177 -18.08 47.14 14.88
C LYS B 177 -17.83 45.67 14.54
N ILE B 178 -17.62 45.39 13.26
CA ILE B 178 -17.36 44.03 12.81
C ILE B 178 -15.87 43.74 12.65
N LEU B 179 -15.40 42.71 13.35
CA LEU B 179 -14.02 42.27 13.22
C LEU B 179 -14.11 40.90 12.55
N LEU B 180 -13.48 40.77 11.38
CA LEU B 180 -13.51 39.52 10.65
C LEU B 180 -12.10 39.04 10.31
N ALA B 181 -11.96 37.73 10.14
CA ALA B 181 -10.69 37.13 9.79
C ALA B 181 -10.92 36.09 8.71
N VAL B 182 -9.96 35.97 7.80
CA VAL B 182 -10.03 34.99 6.71
C VAL B 182 -8.68 34.30 6.61
N LEU B 183 -8.70 33.00 6.42
CA LEU B 183 -7.49 32.21 6.27
C LEU B 183 -7.62 31.44 4.96
N VAL B 184 -6.61 31.56 4.11
CA VAL B 184 -6.61 30.89 2.82
C VAL B 184 -5.32 30.08 2.60
N TYR B 185 -5.49 28.85 2.14
CA TYR B 185 -4.36 27.97 1.84
C TYR B 185 -4.28 27.81 0.33
N PRO B 186 -3.48 28.64 -0.35
CA PRO B 186 -3.35 28.57 -1.81
C PRO B 186 -3.04 27.16 -2.31
N SER B 187 -2.35 26.39 -1.50
CA SER B 187 -1.98 25.02 -1.86
C SER B 187 -3.19 24.12 -2.12
N SER B 188 -4.21 24.22 -1.27
CA SER B 188 -5.40 23.39 -1.41
C SER B 188 -6.65 24.17 -1.80
N GLY B 189 -6.55 25.49 -1.79
CA GLY B 189 -7.69 26.33 -2.14
C GLY B 189 -8.68 26.51 -0.99
N ALA B 190 -8.43 25.86 0.14
CA ALA B 190 -9.31 25.95 1.30
C ALA B 190 -9.48 27.38 1.82
N ILE B 191 -10.72 27.74 2.16
CA ILE B 191 -11.03 29.06 2.68
C ILE B 191 -11.81 28.95 3.99
N TYR B 192 -11.45 29.77 4.98
CA TYR B 192 -12.13 29.75 6.27
C TYR B 192 -12.42 31.17 6.69
N THR B 193 -13.58 31.38 7.31
CA THR B 193 -13.94 32.72 7.76
C THR B 193 -14.50 32.69 9.17
N ILE B 194 -14.34 33.81 9.88
CA ILE B 194 -14.85 33.96 11.24
C ILE B 194 -15.03 35.45 11.47
N ALA B 195 -16.08 35.81 12.22
CA ALA B 195 -16.36 37.22 12.49
C ALA B 195 -17.17 37.35 13.77
N GLU B 196 -17.17 38.56 14.33
CA GLU B 196 -17.89 38.82 15.56
C GLU B 196 -17.93 40.33 15.81
N ILE B 197 -18.85 40.75 16.66
CA ILE B 197 -18.96 42.17 16.98
C ILE B 197 -17.96 42.47 18.08
N VAL B 198 -17.22 43.55 17.92
CA VAL B 198 -16.24 43.96 18.91
C VAL B 198 -16.19 45.48 18.94
N ASP B 199 -16.40 46.05 20.13
CA ASP B 199 -16.35 47.50 20.28
C ASP B 199 -15.00 47.85 20.87
N VAL B 200 -14.02 48.09 20.00
CA VAL B 200 -12.66 48.39 20.46
C VAL B 200 -12.64 49.47 21.54
N LYS B 201 -13.61 50.37 21.47
CA LYS B 201 -13.71 51.44 22.45
C LYS B 201 -13.91 50.92 23.87
N GLN B 202 -14.43 49.70 23.99
CA GLN B 202 -14.66 49.12 25.31
C GLN B 202 -13.53 48.18 25.71
N VAL B 203 -12.61 47.94 24.78
CA VAL B 203 -11.51 47.02 25.00
C VAL B 203 -10.10 47.62 25.06
N LEU B 204 -9.69 48.25 23.97
CA LEU B 204 -8.35 48.81 23.84
C LEU B 204 -8.14 50.24 24.33
N PRO B 205 -6.88 50.60 24.66
CA PRO B 205 -6.62 51.96 25.11
C PRO B 205 -6.58 52.79 23.83
N GLU B 206 -6.54 54.11 23.95
CA GLU B 206 -6.51 54.97 22.76
C GLU B 206 -5.32 54.73 21.86
N TRP B 207 -4.17 54.44 22.46
CA TRP B 207 -2.95 54.15 21.70
C TRP B 207 -2.54 52.70 21.97
N VAL B 208 -2.23 51.98 20.90
CA VAL B 208 -1.86 50.58 21.05
C VAL B 208 -0.69 50.14 20.18
N ASP B 209 -0.13 49.00 20.54
CA ASP B 209 0.95 48.39 19.79
C ASP B 209 0.30 47.20 19.10
N VAL B 210 0.72 46.91 17.87
CA VAL B 210 0.21 45.75 17.14
C VAL B 210 1.40 44.80 17.00
N GLY B 211 1.14 43.50 17.11
CA GLY B 211 2.21 42.53 16.99
C GLY B 211 1.76 41.13 16.68
N LEU B 212 2.73 40.23 16.62
CA LEU B 212 2.50 38.80 16.35
C LEU B 212 3.26 38.06 17.44
N SER B 213 2.71 36.94 17.89
CA SER B 213 3.35 36.15 18.94
C SER B 213 3.11 34.66 18.70
N GLY B 214 4.09 33.84 19.07
CA GLY B 214 3.97 32.41 18.90
C GLY B 214 4.53 31.68 20.11
N ALA B 215 4.09 30.44 20.33
CA ALA B 215 4.58 29.66 21.46
C ALA B 215 4.50 28.16 21.22
N THR B 216 5.47 27.44 21.76
CA THR B 216 5.51 25.98 21.65
C THR B 216 5.18 25.39 23.01
N GLY B 217 4.88 24.09 23.02
CA GLY B 217 4.48 23.36 24.20
C GLY B 217 5.27 23.28 25.50
N ALA B 218 4.59 22.77 26.52
CA ALA B 218 5.14 22.64 27.86
C ALA B 218 5.97 21.39 28.13
N GLN B 219 5.82 20.35 27.30
CA GLN B 219 6.59 19.12 27.49
C GLN B 219 7.49 18.89 26.28
N ARG B 220 8.56 18.12 26.49
CA ARG B 220 9.53 17.85 25.43
C ARG B 220 8.91 17.46 24.09
N ASP B 221 9.39 18.15 23.05
CA ASP B 221 8.96 17.96 21.67
C ASP B 221 7.52 18.29 21.32
N ALA B 222 6.78 18.91 22.23
CA ALA B 222 5.42 19.32 21.91
C ALA B 222 5.64 20.70 21.29
N ALA B 223 6.12 20.70 20.04
CA ALA B 223 6.41 21.93 19.34
C ALA B 223 6.07 21.86 17.86
N GLU B 224 6.21 22.99 17.19
CA GLU B 224 5.91 23.14 15.78
C GLU B 224 6.50 24.48 15.38
N THR B 225 6.64 24.72 14.08
CA THR B 225 7.17 25.99 13.63
C THR B 225 6.06 27.02 13.66
N HIS B 226 6.46 28.29 13.78
CA HIS B 226 5.53 29.41 13.76
C HIS B 226 6.25 30.48 12.96
N ASP B 227 6.38 30.23 11.66
CA ASP B 227 7.04 31.16 10.77
C ASP B 227 6.09 32.08 10.02
N VAL B 228 6.51 33.34 9.87
CA VAL B 228 5.74 34.36 9.19
C VAL B 228 6.63 34.91 8.07
N TYR B 229 6.07 35.03 6.87
CA TYR B 229 6.82 35.49 5.71
C TYR B 229 6.63 36.95 5.34
N SER B 230 5.45 37.50 5.64
CA SER B 230 5.16 38.90 5.33
C SER B 230 4.08 39.44 6.28
N TRP B 231 4.07 40.76 6.46
CA TRP B 231 3.10 41.38 7.35
C TRP B 231 2.84 42.84 6.99
N SER B 232 1.57 43.15 6.71
CA SER B 232 1.18 44.51 6.39
C SER B 232 0.10 44.95 7.37
N PHE B 233 -0.02 46.26 7.57
CA PHE B 233 -1.01 46.81 8.47
C PHE B 233 -1.41 48.22 8.06
N HIS B 234 -2.67 48.56 8.30
CA HIS B 234 -3.16 49.89 7.98
C HIS B 234 -4.34 50.25 8.88
N ALA B 235 -4.32 51.48 9.37
CA ALA B 235 -5.40 51.97 10.24
C ALA B 235 -5.72 53.41 9.88
N SER B 236 -7.00 53.74 9.91
CA SER B 236 -7.47 55.08 9.59
C SER B 236 -8.39 55.56 10.71
N LEU B 237 -8.00 56.64 11.36
CA LEU B 237 -8.80 57.22 12.44
C LEU B 237 -9.42 58.53 11.98
N PRO B 238 -10.75 58.54 11.78
CA PRO B 238 -11.41 59.77 11.34
C PRO B 238 -11.31 60.85 12.41
N GLU B 239 -11.51 62.10 12.02
CA GLU B 239 -11.45 63.20 12.97
C GLU B 239 -12.79 63.91 13.07
N THR B 240 -12.88 64.86 13.87
N VAL C 1 3.69 -61.72 0.92
CA VAL C 1 3.79 -60.26 1.20
C VAL C 1 2.42 -59.63 1.45
N GLU C 2 2.33 -58.82 2.49
CA GLU C 2 1.09 -58.15 2.82
C GLU C 2 1.17 -56.77 2.18
N THR C 3 0.23 -56.47 1.31
CA THR C 3 0.22 -55.17 0.63
C THR C 3 -1.10 -54.45 0.85
N ILE C 4 -1.05 -53.14 0.65
CA ILE C 4 -2.24 -52.31 0.80
C ILE C 4 -2.00 -51.04 -0.01
N SER C 5 -3.07 -50.45 -0.52
CA SER C 5 -2.93 -49.22 -1.30
C SER C 5 -4.24 -48.61 -1.68
N PHE C 6 -4.18 -47.32 -2.01
CA PHE C 6 -5.36 -46.57 -2.43
C PHE C 6 -4.89 -45.41 -3.29
N SER C 7 -5.82 -44.81 -4.00
CA SER C 7 -5.51 -43.68 -4.85
C SER C 7 -6.76 -42.81 -5.06
N PHE C 8 -6.67 -41.57 -4.61
CA PHE C 8 -7.78 -40.62 -4.74
C PHE C 8 -7.38 -39.57 -5.77
N SER C 9 -7.88 -39.71 -7.00
CA SER C 9 -7.57 -38.72 -8.04
C SER C 9 -8.24 -37.41 -7.65
N GLU C 10 -9.26 -37.55 -6.82
CA GLU C 10 -10.02 -36.42 -6.31
C GLU C 10 -10.85 -36.97 -5.15
N PHE C 11 -11.48 -36.10 -4.39
CA PHE C 11 -12.26 -36.56 -3.25
C PHE C 11 -13.76 -36.43 -3.48
N GLU C 12 -14.51 -37.45 -3.09
CA GLU C 12 -15.95 -37.45 -3.24
C GLU C 12 -16.63 -37.29 -1.88
N PRO C 13 -17.45 -36.23 -1.72
CA PRO C 13 -18.14 -36.00 -0.45
C PRO C 13 -18.85 -37.27 -0.02
N GLY C 14 -18.96 -37.48 1.29
CA GLY C 14 -19.60 -38.69 1.77
C GLY C 14 -18.77 -39.90 1.44
N ASN C 15 -17.48 -39.69 1.22
CA ASN C 15 -16.56 -40.78 0.90
C ASN C 15 -16.62 -41.76 2.06
N ASN C 16 -16.30 -43.02 1.81
CA ASN C 16 -16.34 -44.02 2.87
C ASN C 16 -14.97 -44.60 3.20
N ASP C 17 -13.98 -44.29 2.37
CA ASP C 17 -12.63 -44.81 2.58
C ASP C 17 -11.78 -43.87 3.42
N LEU C 18 -12.34 -42.70 3.73
CA LEU C 18 -11.62 -41.71 4.53
C LEU C 18 -12.38 -41.32 5.79
N THR C 19 -11.64 -40.99 6.83
CA THR C 19 -12.21 -40.55 8.10
C THR C 19 -11.85 -39.08 8.28
N LEU C 20 -12.85 -38.21 8.23
CA LEU C 20 -12.62 -36.78 8.42
C LEU C 20 -12.65 -36.47 9.92
N GLN C 21 -11.70 -35.66 10.38
CA GLN C 21 -11.63 -35.31 11.79
C GLN C 21 -11.40 -33.82 11.95
N GLY C 22 -11.92 -33.25 13.04
CA GLY C 22 -11.77 -31.82 13.27
C GLY C 22 -12.60 -30.97 12.33
N ALA C 23 -11.99 -29.93 11.79
CA ALA C 23 -12.66 -29.02 10.88
C ALA C 23 -12.59 -29.48 9.42
N ALA C 24 -11.91 -30.59 9.17
CA ALA C 24 -11.76 -31.12 7.81
C ALA C 24 -13.06 -31.50 7.10
N ILE C 25 -13.20 -31.07 5.85
CA ILE C 25 -14.38 -31.40 5.05
C ILE C 25 -13.99 -31.63 3.59
N ILE C 26 -14.90 -32.24 2.83
CA ILE C 26 -14.69 -32.49 1.42
C ILE C 26 -15.75 -31.72 0.65
N THR C 27 -15.33 -30.70 -0.09
CA THR C 27 -16.24 -29.87 -0.87
C THR C 27 -16.86 -30.65 -2.02
N GLN C 28 -17.95 -30.11 -2.57
CA GLN C 28 -18.67 -30.71 -3.67
C GLN C 28 -17.79 -30.73 -4.92
N SER C 29 -16.84 -29.81 -4.99
CA SER C 29 -15.93 -29.74 -6.14
C SER C 29 -14.83 -30.80 -6.00
N GLY C 30 -14.94 -31.63 -4.97
CA GLY C 30 -13.97 -32.69 -4.75
C GLY C 30 -12.66 -32.28 -4.10
N VAL C 31 -12.69 -31.19 -3.34
CA VAL C 31 -11.49 -30.72 -2.68
C VAL C 31 -11.56 -31.02 -1.20
N LEU C 32 -10.45 -31.52 -0.66
CA LEU C 32 -10.37 -31.81 0.76
C LEU C 32 -9.79 -30.58 1.44
N GLN C 33 -10.62 -29.86 2.18
CA GLN C 33 -10.18 -28.67 2.89
C GLN C 33 -9.87 -29.09 4.32
N LEU C 34 -8.59 -29.21 4.64
CA LEU C 34 -8.16 -29.63 5.97
C LEU C 34 -8.52 -28.61 7.05
N THR C 35 -8.31 -27.33 6.76
CA THR C 35 -8.63 -26.29 7.73
C THR C 35 -9.82 -25.48 7.24
N LYS C 36 -10.66 -25.05 8.18
CA LYS C 36 -11.87 -24.30 7.85
C LYS C 36 -11.70 -23.11 6.93
N ILE C 37 -12.62 -23.00 5.98
CA ILE C 37 -12.64 -21.91 5.01
C ILE C 37 -13.95 -21.18 5.26
N ASN C 38 -13.87 -20.01 5.88
CA ASN C 38 -15.06 -19.21 6.17
C ASN C 38 -15.90 -19.03 4.92
N GLN C 39 -17.18 -18.74 5.11
CA GLN C 39 -18.11 -18.55 4.01
C GLN C 39 -17.69 -17.43 3.05
N ASN C 40 -16.96 -16.45 3.56
CA ASN C 40 -16.50 -15.34 2.73
C ASN C 40 -15.35 -15.76 1.83
N GLY C 41 -14.94 -17.02 1.94
CA GLY C 41 -13.87 -17.54 1.11
C GLY C 41 -12.47 -17.42 1.70
N MET C 42 -12.39 -16.91 2.94
CA MET C 42 -11.10 -16.73 3.59
C MET C 42 -10.81 -17.83 4.62
N PRO C 43 -9.53 -18.20 4.77
CA PRO C 43 -9.12 -19.22 5.74
C PRO C 43 -9.27 -18.69 7.16
N ALA C 44 -9.77 -19.52 8.06
CA ALA C 44 -9.96 -19.12 9.45
C ALA C 44 -8.83 -19.60 10.35
N TRP C 45 -8.55 -18.83 11.39
CA TRP C 45 -7.51 -19.18 12.35
C TRP C 45 -8.14 -20.13 13.37
N ASP C 46 -7.31 -20.67 14.26
CA ASP C 46 -7.79 -21.58 15.29
C ASP C 46 -8.57 -22.77 14.71
N SER C 47 -8.09 -23.30 13.59
CA SER C 47 -8.73 -24.43 12.94
C SER C 47 -7.73 -25.57 12.80
N THR C 48 -8.16 -26.77 13.18
CA THR C 48 -7.32 -27.96 13.10
C THR C 48 -8.13 -29.11 12.48
N GLY C 49 -7.66 -29.63 11.35
CA GLY C 49 -8.38 -30.69 10.70
C GLY C 49 -7.49 -31.76 10.11
N ARG C 50 -7.99 -32.98 10.04
CA ARG C 50 -7.21 -34.07 9.46
C ARG C 50 -8.09 -35.14 8.85
N THR C 51 -7.46 -36.01 8.08
CA THR C 51 -8.15 -37.13 7.45
C THR C 51 -7.30 -38.36 7.66
N LEU C 52 -7.96 -39.48 7.92
CA LEU C 52 -7.26 -40.74 8.12
C LEU C 52 -7.82 -41.76 7.15
N TYR C 53 -6.97 -42.63 6.63
CA TYR C 53 -7.47 -43.67 5.74
C TYR C 53 -8.16 -44.63 6.72
N THR C 54 -9.33 -45.14 6.35
CA THR C 54 -10.07 -46.03 7.24
C THR C 54 -9.44 -47.38 7.56
N LYS C 55 -8.36 -47.74 6.88
CA LYS C 55 -7.71 -49.02 7.13
C LYS C 55 -6.27 -48.90 7.60
N PRO C 56 -5.88 -49.69 8.63
CA PRO C 56 -4.52 -49.68 9.20
C PRO C 56 -3.48 -50.32 8.28
N VAL C 57 -2.24 -49.86 8.38
CA VAL C 57 -1.15 -50.38 7.59
C VAL C 57 -0.19 -51.20 8.45
N HIS C 58 0.18 -52.39 7.97
CA HIS C 58 1.10 -53.24 8.70
C HIS C 58 2.51 -52.84 8.27
N ILE C 59 3.18 -52.01 9.08
CA ILE C 59 4.52 -51.51 8.77
C ILE C 59 5.66 -52.44 9.12
N TRP C 60 5.51 -53.22 10.19
CA TRP C 60 6.55 -54.18 10.56
C TRP C 60 6.04 -55.24 11.53
N ASP C 61 6.72 -56.38 11.53
CA ASP C 61 6.35 -57.50 12.39
C ASP C 61 7.46 -57.78 13.38
N MET C 62 7.18 -57.56 14.66
CA MET C 62 8.16 -57.75 15.72
C MET C 62 8.72 -59.16 15.76
N THR C 63 7.85 -60.16 15.64
CA THR C 63 8.27 -61.54 15.71
C THR C 63 9.31 -61.93 14.64
N THR C 64 9.02 -61.64 13.39
CA THR C 64 9.93 -61.99 12.30
C THR C 64 10.99 -60.93 12.01
N GLY C 65 10.68 -59.68 12.32
CA GLY C 65 11.64 -58.62 12.07
C GLY C 65 11.45 -57.92 10.73
N THR C 66 10.50 -58.40 9.94
CA THR C 66 10.22 -57.80 8.64
C THR C 66 9.75 -56.36 8.80
N VAL C 67 10.14 -55.50 7.86
CA VAL C 67 9.75 -54.10 7.88
C VAL C 67 9.26 -53.71 6.48
N ALA C 68 8.16 -52.96 6.43
CA ALA C 68 7.59 -52.56 5.16
C ALA C 68 8.22 -51.33 4.52
N SER C 69 8.14 -51.29 3.19
CA SER C 69 8.61 -50.16 2.40
C SER C 69 7.31 -49.52 1.94
N PHE C 70 7.29 -48.21 1.80
CA PHE C 70 6.07 -47.54 1.38
C PHE C 70 6.28 -46.22 0.63
N GLU C 71 5.21 -45.77 -0.01
CA GLU C 71 5.25 -44.54 -0.79
C GLU C 71 3.87 -43.87 -0.72
N THR C 72 3.86 -42.54 -0.78
CA THR C 72 2.62 -41.78 -0.73
C THR C 72 2.81 -40.50 -1.56
N ARG C 73 1.73 -40.08 -2.21
CA ARG C 73 1.77 -38.89 -3.04
C ARG C 73 0.46 -38.11 -2.91
N PHE C 74 0.57 -36.79 -2.89
CA PHE C 74 -0.61 -35.95 -2.79
C PHE C 74 -0.30 -34.57 -3.35
N SER C 75 -1.36 -33.89 -3.76
CA SER C 75 -1.26 -32.54 -4.30
C SER C 75 -1.99 -31.61 -3.34
N PHE C 76 -1.35 -30.50 -2.98
CA PHE C 76 -1.97 -29.55 -2.06
C PHE C 76 -1.71 -28.13 -2.51
N SER C 77 -2.30 -27.17 -1.79
CA SER C 77 -2.10 -25.76 -2.08
C SER C 77 -2.32 -24.98 -0.80
N ILE C 78 -1.47 -23.97 -0.59
CA ILE C 78 -1.56 -23.11 0.59
C ILE C 78 -1.60 -21.67 0.12
N GLU C 79 -2.67 -20.96 0.50
CA GLU C 79 -2.82 -19.57 0.12
C GLU C 79 -2.72 -18.69 1.36
N GLN C 80 -1.84 -17.69 1.29
CA GLN C 80 -1.61 -16.76 2.39
C GLN C 80 -2.02 -15.35 1.99
N PRO C 81 -3.22 -14.90 2.39
CA PRO C 81 -3.71 -13.57 2.05
C PRO C 81 -3.30 -12.41 2.97
N TYR C 82 -2.66 -12.73 4.11
CA TYR C 82 -2.27 -11.70 5.05
C TYR C 82 -0.76 -11.66 5.30
N THR C 83 -0.23 -10.46 5.46
CA THR C 83 1.20 -10.26 5.72
C THR C 83 1.38 -10.13 7.24
N ARG C 84 0.28 -9.80 7.90
CA ARG C 84 0.27 -9.65 9.35
C ARG C 84 -1.12 -9.99 9.90
N PRO C 85 -1.18 -10.89 10.88
CA PRO C 85 0.01 -11.55 11.43
C PRO C 85 0.61 -12.50 10.39
N LEU C 86 1.77 -13.07 10.71
CA LEU C 86 2.40 -14.00 9.77
C LEU C 86 1.51 -15.22 9.56
N PRO C 87 1.47 -15.76 8.34
CA PRO C 87 0.63 -16.94 8.08
C PRO C 87 1.07 -18.00 9.10
N ALA C 88 0.23 -18.99 9.42
CA ALA C 88 0.49 -20.19 10.08
C ALA C 88 -0.61 -21.23 9.93
N ASP C 89 -0.41 -22.49 10.26
CA ASP C 89 0.86 -23.01 10.83
C ASP C 89 1.50 -24.03 9.87
N GLY C 90 0.55 -24.64 9.10
CA GLY C 90 1.05 -25.66 8.21
C GLY C 90 0.15 -26.97 8.00
N LEU C 91 0.62 -27.84 7.11
CA LEU C 91 0.03 -29.18 6.95
C LEU C 91 1.10 -30.26 7.05
N VAL C 92 0.65 -31.51 7.22
CA VAL C 92 1.59 -32.61 7.38
C VAL C 92 1.01 -33.99 7.07
N PHE C 93 1.88 -34.90 6.63
CA PHE C 93 1.50 -36.29 6.34
C PHE C 93 2.06 -37.03 7.55
N PHE C 94 1.24 -37.83 8.22
CA PHE C 94 1.71 -38.54 9.39
C PHE C 94 1.32 -40.00 9.45
N MET C 95 2.14 -40.77 10.17
CA MET C 95 1.93 -42.20 10.38
C MET C 95 2.11 -42.42 11.87
N GLY C 96 1.19 -43.15 12.48
CA GLY C 96 1.29 -43.40 13.90
C GLY C 96 0.27 -44.40 14.42
N PRO C 97 0.02 -44.42 15.74
CA PRO C 97 -0.94 -45.34 16.35
C PRO C 97 -2.30 -45.30 15.68
N THR C 98 -2.99 -46.44 15.68
CA THR C 98 -4.32 -46.52 15.07
C THR C 98 -5.36 -45.92 15.99
N LYS C 99 -6.53 -45.62 15.42
CA LYS C 99 -7.62 -45.03 16.19
C LYS C 99 -7.20 -43.72 16.85
N SER C 100 -6.32 -42.99 16.19
CA SER C 100 -5.84 -41.71 16.74
C SER C 100 -6.86 -40.60 16.54
N LYS C 101 -6.77 -39.60 17.41
CA LYS C 101 -7.65 -38.45 17.38
C LYS C 101 -6.76 -37.22 17.23
N PRO C 102 -7.30 -36.12 16.69
CA PRO C 102 -6.46 -34.93 16.54
C PRO C 102 -5.82 -34.48 17.85
N ALA C 103 -4.53 -34.18 17.80
CA ALA C 103 -3.81 -33.71 18.97
C ALA C 103 -3.87 -32.18 19.00
N GLN C 104 -2.94 -31.55 19.70
CA GLN C 104 -2.90 -30.09 19.81
C GLN C 104 -2.78 -29.42 18.45
N GLY C 105 -3.39 -28.24 18.32
CA GLY C 105 -3.34 -27.53 17.06
C GLY C 105 -2.10 -26.66 16.92
N TYR C 106 -2.27 -25.56 16.20
CA TYR C 106 -1.19 -24.59 15.98
C TYR C 106 0.09 -25.23 15.48
N GLY C 107 1.22 -24.68 15.92
CA GLY C 107 2.52 -25.20 15.53
C GLY C 107 2.68 -26.69 15.73
N TYR C 108 1.70 -27.33 16.39
CA TYR C 108 1.78 -28.75 16.63
C TYR C 108 1.10 -29.52 15.51
N LEU C 109 0.54 -28.77 14.56
CA LEU C 109 -0.10 -29.30 13.37
C LEU C 109 -1.14 -30.40 13.56
N GLY C 110 -1.71 -30.49 14.75
CA GLY C 110 -2.73 -31.50 15.03
C GLY C 110 -2.18 -32.91 15.14
N VAL C 111 -0.86 -33.02 15.30
CA VAL C 111 -0.22 -34.31 15.42
C VAL C 111 0.51 -34.49 16.74
N PHE C 112 1.11 -33.43 17.26
CA PHE C 112 1.81 -33.54 18.53
C PHE C 112 1.11 -32.77 19.65
N ASN C 113 1.59 -32.96 20.88
CA ASN C 113 1.01 -32.32 22.06
C ASN C 113 1.92 -31.26 22.69
N ASN C 114 3.18 -31.24 22.28
CA ASN C 114 4.15 -30.29 22.79
C ASN C 114 5.35 -30.27 21.85
N SER C 115 6.45 -29.67 22.27
CA SER C 115 7.65 -29.59 21.44
C SER C 115 8.77 -30.48 21.94
N LYS C 116 8.41 -31.55 22.64
CA LYS C 116 9.42 -32.47 23.17
C LYS C 116 9.60 -33.71 22.29
N GLN C 117 10.73 -34.38 22.49
CA GLN C 117 11.04 -35.62 21.77
C GLN C 117 10.58 -36.71 22.74
N ASP C 118 9.48 -37.37 22.40
CA ASP C 118 8.93 -38.42 23.26
C ASP C 118 8.59 -39.68 22.48
N ASN C 119 9.21 -40.80 22.84
CA ASN C 119 8.94 -42.05 22.13
C ASN C 119 7.45 -42.41 22.20
N SER C 120 6.74 -41.85 23.19
CA SER C 120 5.32 -42.12 23.37
C SER C 120 4.45 -41.73 22.19
N TYR C 121 4.89 -40.78 21.40
CA TYR C 121 4.11 -40.35 20.23
C TYR C 121 4.03 -41.49 19.23
N GLN C 122 5.13 -42.23 19.07
CA GLN C 122 5.20 -43.35 18.14
C GLN C 122 4.71 -42.88 16.78
N THR C 123 5.08 -41.65 16.43
CA THR C 123 4.64 -41.05 15.17
C THR C 123 5.77 -40.60 14.27
N LEU C 124 5.57 -40.80 12.96
CA LEU C 124 6.52 -40.39 11.95
C LEU C 124 5.73 -39.49 11.01
N ALA C 125 6.33 -38.38 10.60
CA ALA C 125 5.62 -37.47 9.71
C ALA C 125 6.55 -36.62 8.87
N VAL C 126 5.97 -36.03 7.82
CA VAL C 126 6.69 -35.13 6.93
C VAL C 126 5.82 -33.89 6.90
N GLU C 127 6.36 -32.79 7.44
CA GLU C 127 5.64 -31.53 7.52
C GLU C 127 6.05 -30.52 6.48
N PHE C 128 5.13 -29.59 6.23
CA PHE C 128 5.32 -28.49 5.29
C PHE C 128 4.90 -27.31 6.15
N ASP C 129 5.87 -26.88 6.93
CA ASP C 129 5.78 -25.82 7.93
C ASP C 129 5.79 -24.37 7.44
N THR C 130 4.79 -23.61 7.87
CA THR C 130 4.65 -22.21 7.45
C THR C 130 4.91 -21.14 8.51
N PHE C 131 5.14 -21.54 9.76
CA PHE C 131 5.39 -20.56 10.82
C PHE C 131 6.63 -20.96 11.59
N SER C 132 7.52 -20.02 11.88
CA SER C 132 8.73 -20.38 12.61
C SER C 132 8.58 -20.27 14.13
N ASN C 133 8.30 -21.40 14.77
CA ASN C 133 8.16 -21.43 16.23
C ASN C 133 9.56 -21.47 16.82
N PRO C 134 9.69 -21.37 18.16
CA PRO C 134 11.01 -21.38 18.79
C PRO C 134 11.85 -22.63 18.49
N TRP C 135 11.19 -23.76 18.26
CA TRP C 135 11.90 -25.01 17.98
C TRP C 135 12.19 -25.18 16.48
N ASP C 136 11.69 -24.25 15.69
CA ASP C 136 11.85 -24.26 14.24
C ASP C 136 13.04 -23.47 13.73
N PRO C 137 13.54 -23.84 12.53
CA PRO C 137 14.66 -23.10 11.95
C PRO C 137 14.05 -21.78 11.51
N PRO C 138 14.86 -20.72 11.39
CA PRO C 138 14.33 -19.42 10.97
C PRO C 138 13.61 -19.36 9.63
N GLN C 139 14.06 -20.15 8.66
CA GLN C 139 13.45 -20.12 7.33
C GLN C 139 12.06 -20.78 7.26
N VAL C 140 11.17 -20.12 6.53
CA VAL C 140 9.80 -20.60 6.35
C VAL C 140 9.28 -20.12 5.00
N PRO C 141 8.51 -20.98 4.31
CA PRO C 141 8.17 -22.32 4.81
C PRO C 141 9.32 -23.29 4.66
N HIS C 142 9.19 -24.47 5.27
CA HIS C 142 10.21 -25.50 5.18
C HIS C 142 9.62 -26.89 5.34
N ILE C 143 10.20 -27.85 4.62
CA ILE C 143 9.77 -29.23 4.71
C ILE C 143 10.48 -29.76 5.95
N GLY C 144 9.88 -30.72 6.63
CA GLY C 144 10.53 -31.27 7.82
C GLY C 144 10.20 -32.74 8.00
N ILE C 145 11.20 -33.50 8.45
CA ILE C 145 11.04 -34.92 8.72
C ILE C 145 10.96 -35.03 10.25
N ASP C 146 9.76 -35.36 10.76
CA ASP C 146 9.55 -35.46 12.19
C ASP C 146 9.49 -36.88 12.73
N VAL C 147 10.33 -37.16 13.71
CA VAL C 147 10.39 -38.46 14.35
C VAL C 147 10.10 -38.25 15.83
N ASN C 148 8.91 -38.68 16.24
CA ASN C 148 8.46 -38.56 17.64
C ASN C 148 8.64 -37.15 18.20
N SER C 149 8.55 -36.16 17.33
CA SER C 149 8.69 -34.78 17.75
C SER C 149 8.32 -33.76 16.69
N ILE C 150 7.92 -32.59 17.14
CA ILE C 150 7.58 -31.48 16.26
C ILE C 150 8.93 -30.82 15.94
N ARG C 151 9.96 -31.22 16.69
CA ARG C 151 11.30 -30.71 16.48
C ARG C 151 11.98 -31.60 15.44
N SER C 152 11.78 -31.25 14.17
CA SER C 152 12.33 -32.01 13.04
C SER C 152 13.80 -32.41 13.18
N ILE C 153 14.14 -33.61 12.72
CA ILE C 153 15.52 -34.07 12.76
C ILE C 153 16.22 -33.54 11.51
N LYS C 154 15.42 -33.06 10.58
CA LYS C 154 15.92 -32.53 9.32
C LYS C 154 14.89 -31.59 8.69
N THR C 155 15.37 -30.46 8.18
CA THR C 155 14.49 -29.49 7.55
C THR C 155 15.09 -29.01 6.22
N GLN C 156 14.22 -28.50 5.36
CA GLN C 156 14.65 -27.99 4.06
C GLN C 156 13.75 -26.83 3.65
N PRO C 157 14.33 -25.63 3.57
CA PRO C 157 13.57 -24.45 3.18
C PRO C 157 13.04 -24.56 1.77
N PHE C 158 11.84 -24.03 1.55
CA PHE C 158 11.29 -24.01 0.21
C PHE C 158 10.45 -22.75 0.09
N GLN C 159 10.47 -22.14 -1.08
CA GLN C 159 9.69 -20.93 -1.28
C GLN C 159 8.27 -21.30 -1.64
N LEU C 160 7.32 -20.64 -0.99
CA LEU C 160 5.92 -20.90 -1.26
C LEU C 160 5.50 -20.15 -2.51
N ASP C 161 4.72 -20.83 -3.36
CA ASP C 161 4.19 -20.20 -4.55
C ASP C 161 2.72 -20.08 -4.14
N ASN C 162 2.38 -18.91 -3.61
CA ASN C 162 1.04 -18.64 -3.08
C ASN C 162 -0.15 -19.16 -3.88
N GLY C 163 -0.96 -19.97 -3.21
CA GLY C 163 -2.14 -20.53 -3.83
C GLY C 163 -1.91 -21.48 -5.00
N GLN C 164 -0.66 -21.88 -5.20
CA GLN C 164 -0.32 -22.79 -6.29
C GLN C 164 -0.30 -24.24 -5.83
N VAL C 165 -0.65 -25.14 -6.74
CA VAL C 165 -0.66 -26.57 -6.44
C VAL C 165 0.73 -27.18 -6.46
N ALA C 166 1.12 -27.77 -5.33
CA ALA C 166 2.41 -28.41 -5.22
C ALA C 166 2.19 -29.91 -5.17
N ASN C 167 3.06 -30.66 -5.83
CA ASN C 167 2.98 -32.12 -5.85
C ASN C 167 4.02 -32.64 -4.85
N VAL C 168 3.63 -33.64 -4.08
CA VAL C 168 4.52 -34.21 -3.07
C VAL C 168 4.73 -35.70 -3.25
N VAL C 169 5.96 -36.13 -3.05
CA VAL C 169 6.30 -37.53 -3.16
C VAL C 169 7.11 -37.93 -1.93
N ILE C 170 6.60 -38.92 -1.19
CA ILE C 170 7.27 -39.40 0.00
C ILE C 170 7.45 -40.90 -0.15
N LYS C 171 8.69 -41.37 0.01
CA LYS C 171 9.00 -42.77 -0.15
C LYS C 171 9.96 -43.27 0.93
N TYR C 172 9.66 -44.45 1.48
CA TYR C 172 10.50 -45.05 2.50
C TYR C 172 10.97 -46.42 2.03
N ASP C 173 12.28 -46.64 2.04
CA ASP C 173 12.86 -47.91 1.64
C ASP C 173 13.35 -48.60 2.91
N ALA C 174 12.71 -49.71 3.28
CA ALA C 174 13.06 -50.44 4.50
C ALA C 174 14.47 -51.02 4.52
N SER C 175 14.98 -51.45 3.37
CA SER C 175 16.32 -52.03 3.31
C SER C 175 17.43 -51.02 3.58
N SER C 176 17.23 -49.78 3.17
CA SER C 176 18.23 -48.73 3.37
C SER C 176 17.90 -47.84 4.57
N LYS C 177 16.66 -47.91 5.04
CA LYS C 177 16.17 -47.09 6.15
C LYS C 177 16.09 -45.63 5.75
N ILE C 178 16.06 -45.39 4.45
CA ILE C 178 15.98 -44.03 3.93
C ILE C 178 14.54 -43.55 3.72
N LEU C 179 14.21 -42.42 4.32
CA LEU C 179 12.89 -41.83 4.15
C LEU C 179 13.16 -40.54 3.38
N LEU C 180 12.45 -40.33 2.28
CA LEU C 180 12.67 -39.12 1.51
C LEU C 180 11.40 -38.47 1.04
N ALA C 181 11.47 -37.16 0.80
CA ALA C 181 10.32 -36.43 0.34
C ALA C 181 10.78 -35.44 -0.70
N VAL C 182 9.92 -35.20 -1.69
CA VAL C 182 10.19 -34.27 -2.76
C VAL C 182 8.95 -33.42 -2.94
N LEU C 183 9.15 -32.14 -3.20
CA LEU C 183 8.04 -31.24 -3.44
C LEU C 183 8.33 -30.55 -4.76
N VAL C 184 7.33 -30.54 -5.64
CA VAL C 184 7.47 -29.92 -6.94
C VAL C 184 6.32 -28.94 -7.16
N TYR C 185 6.66 -27.77 -7.72
CA TYR C 185 5.66 -26.76 -8.03
C TYR C 185 5.61 -26.67 -9.54
N PRO C 186 4.66 -27.37 -10.17
CA PRO C 186 4.54 -27.34 -11.63
C PRO C 186 4.38 -25.91 -12.15
N SER C 187 3.89 -25.04 -11.28
CA SER C 187 3.66 -23.64 -11.61
C SER C 187 4.96 -22.88 -11.83
N SER C 188 5.95 -23.13 -10.99
CA SER C 188 7.24 -22.46 -11.10
C SER C 188 8.32 -23.35 -11.68
N GLY C 189 8.18 -24.66 -11.46
CA GLY C 189 9.17 -25.60 -11.95
C GLY C 189 10.16 -25.88 -10.83
N ALA C 190 9.89 -25.32 -9.65
CA ALA C 190 10.75 -25.49 -8.49
C ALA C 190 10.72 -26.94 -7.98
N ILE C 191 11.89 -27.41 -7.56
CA ILE C 191 12.02 -28.76 -7.03
C ILE C 191 12.81 -28.69 -5.71
N TYR C 192 12.32 -29.41 -4.70
CA TYR C 192 12.97 -29.44 -3.39
C TYR C 192 13.01 -30.88 -2.91
N THR C 193 14.11 -31.26 -2.28
CA THR C 193 14.25 -32.61 -1.77
C THR C 193 14.76 -32.59 -0.34
N ILE C 194 14.47 -33.66 0.40
CA ILE C 194 14.90 -33.79 1.77
C ILE C 194 14.92 -35.29 2.05
N ALA C 195 15.92 -35.75 2.79
CA ALA C 195 16.01 -37.16 3.11
C ALA C 195 16.78 -37.35 4.41
N GLU C 196 16.55 -38.49 5.06
CA GLU C 196 17.22 -38.78 6.30
C GLU C 196 16.99 -40.26 6.67
N ILE C 197 17.82 -40.76 7.58
CA ILE C 197 17.72 -42.14 8.03
C ILE C 197 16.63 -42.28 9.09
N VAL C 198 15.81 -43.32 8.96
CA VAL C 198 14.75 -43.57 9.91
C VAL C 198 14.48 -45.06 9.99
N ASP C 199 14.54 -45.61 11.20
CA ASP C 199 14.28 -47.03 11.42
C ASP C 199 12.90 -47.12 12.05
N VAL C 200 11.87 -47.25 11.21
CA VAL C 200 10.49 -47.32 11.70
C VAL C 200 10.26 -48.34 12.83
N LYS C 201 11.15 -49.31 12.96
CA LYS C 201 11.04 -50.32 14.01
C LYS C 201 11.30 -49.70 15.39
N GLN C 202 12.00 -48.56 15.42
CA GLN C 202 12.32 -47.90 16.69
C GLN C 202 11.29 -46.82 16.98
N VAL C 203 10.47 -46.50 15.97
CA VAL C 203 9.51 -45.44 16.11
C VAL C 203 8.03 -45.82 16.19
N LEU C 204 7.54 -46.41 15.11
CA LEU C 204 6.14 -46.78 14.99
C LEU C 204 5.73 -48.13 15.56
N PRO C 205 4.43 -48.30 15.82
CA PRO C 205 3.97 -49.59 16.34
C PRO C 205 3.88 -50.47 15.09
N GLU C 206 3.64 -51.75 15.25
CA GLU C 206 3.54 -52.66 14.12
C GLU C 206 2.46 -52.26 13.12
N TRP C 207 1.35 -51.73 13.62
CA TRP C 207 0.25 -51.29 12.76
C TRP C 207 0.00 -49.80 12.97
N VAL C 208 -0.20 -49.07 11.88
CA VAL C 208 -0.45 -47.64 12.00
C VAL C 208 -1.56 -47.15 11.10
N ASP C 209 -1.96 -45.91 11.32
CA ASP C 209 -2.95 -45.25 10.51
C ASP C 209 -2.15 -44.17 9.79
N VAL C 210 -2.53 -43.86 8.55
CA VAL C 210 -1.85 -42.80 7.82
C VAL C 210 -2.88 -41.71 7.62
N GLY C 211 -2.42 -40.47 7.61
CA GLY C 211 -3.35 -39.37 7.41
C GLY C 211 -2.67 -38.09 7.01
N LEU C 212 -3.49 -37.07 6.81
CA LEU C 212 -3.03 -35.74 6.44
C LEU C 212 -3.63 -34.82 7.50
N SER C 213 -2.84 -33.86 7.97
CA SER C 213 -3.31 -32.93 8.98
C SER C 213 -2.89 -31.49 8.69
N GLY C 214 -3.71 -30.54 9.12
CA GLY C 214 -3.42 -29.14 8.90
C GLY C 214 -3.89 -28.30 10.07
N ALA C 215 -3.32 -27.12 10.25
CA ALA C 215 -3.71 -26.25 11.35
C ALA C 215 -3.39 -24.78 11.08
N THR C 216 -4.28 -23.90 11.55
CA THR C 216 -4.09 -22.47 11.41
C THR C 216 -3.64 -21.88 12.76
N GLY C 217 -3.21 -20.62 12.73
CA GLY C 217 -2.70 -19.96 13.93
C GLY C 217 -3.57 -19.75 15.16
N ALA C 218 -2.95 -19.19 16.20
CA ALA C 218 -3.61 -18.91 17.47
C ALA C 218 -4.09 -17.47 17.64
N GLN C 219 -3.86 -16.64 16.62
CA GLN C 219 -4.29 -15.24 16.68
C GLN C 219 -5.10 -14.88 15.44
N ARG C 220 -6.02 -13.92 15.62
CA ARG C 220 -6.90 -13.49 14.54
C ARG C 220 -6.21 -13.27 13.19
N ASP C 221 -6.81 -13.85 12.15
CA ASP C 221 -6.31 -13.74 10.78
C ASP C 221 -4.93 -14.36 10.52
N ALA C 222 -4.41 -15.09 11.50
CA ALA C 222 -3.14 -15.77 11.32
C ALA C 222 -3.55 -17.10 10.73
N ALA C 223 -3.94 -17.08 9.46
CA ALA C 223 -4.40 -18.28 8.78
C ALA C 223 -3.99 -18.38 7.32
N GLU C 224 -4.23 -19.56 6.76
CA GLU C 224 -3.91 -19.87 5.37
C GLU C 224 -4.73 -21.10 5.00
N THR C 225 -4.85 -21.38 3.71
CA THR C 225 -5.59 -22.56 3.27
C THR C 225 -4.67 -23.78 3.37
N HIS C 226 -5.28 -24.96 3.45
CA HIS C 226 -4.54 -26.22 3.50
C HIS C 226 -5.37 -27.24 2.74
N ASP C 227 -5.53 -26.96 1.45
CA ASP C 227 -6.33 -27.82 0.60
C ASP C 227 -5.52 -28.94 -0.05
N VAL C 228 -6.19 -30.08 -0.23
CA VAL C 228 -5.59 -31.26 -0.85
C VAL C 228 -6.50 -31.68 -2.01
N TYR C 229 -5.91 -32.00 -3.14
CA TYR C 229 -6.67 -32.39 -4.33
C TYR C 229 -6.61 -33.87 -4.67
N SER C 230 -5.58 -34.55 -4.18
CA SER C 230 -5.42 -35.98 -4.45
C SER C 230 -4.45 -36.61 -3.44
N TRP C 231 -4.64 -37.89 -3.17
CA TRP C 231 -3.79 -38.62 -2.23
C TRP C 231 -3.75 -40.10 -2.59
N SER C 232 -2.55 -40.64 -2.75
CA SER C 232 -2.37 -42.05 -3.08
C SER C 232 -1.36 -42.62 -2.11
N PHE C 233 -1.47 -43.92 -1.83
CA PHE C 233 -0.57 -44.57 -0.90
C PHE C 233 -0.40 -46.03 -1.26
N HIS C 234 0.79 -46.56 -0.96
CA HIS C 234 1.10 -47.96 -1.23
C HIS C 234 2.17 -48.46 -0.29
N ALA C 235 1.93 -49.62 0.32
CA ALA C 235 2.90 -50.20 1.24
C ALA C 235 2.94 -51.71 1.03
N SER C 236 4.14 -52.28 1.12
CA SER C 236 4.31 -53.71 0.95
C SER C 236 5.23 -54.22 2.04
N LEU C 237 4.74 -55.21 2.77
CA LEU C 237 5.47 -55.81 3.87
C LEU C 237 5.75 -57.27 3.52
N PRO C 238 7.04 -57.64 3.42
CA PRO C 238 7.42 -59.02 3.10
C PRO C 238 7.04 -59.99 4.22
N GLU C 239 6.72 -61.23 3.85
CA GLU C 239 6.32 -62.23 4.84
C GLU C 239 7.39 -63.31 5.04
N THR C 240 7.23 -64.05 6.14
CA THR C 240 8.14 -65.13 6.55
C THR C 240 9.43 -64.55 7.09
N ASN C 241 10.07 -63.74 6.38
N VAL D 1 35.23 -23.98 5.98
CA VAL D 1 34.44 -24.70 4.93
C VAL D 1 34.97 -24.37 3.54
N GLU D 2 35.19 -25.40 2.74
CA GLU D 2 35.69 -25.21 1.39
C GLU D 2 34.54 -25.47 0.42
N THR D 3 34.22 -24.48 -0.40
CA THR D 3 33.11 -24.61 -1.34
C THR D 3 33.50 -24.39 -2.79
N ILE D 4 32.72 -25.02 -3.67
CA ILE D 4 32.89 -24.93 -5.11
C ILE D 4 31.48 -24.90 -5.69
N SER D 5 31.25 -24.04 -6.68
CA SER D 5 29.92 -23.97 -7.29
C SER D 5 29.97 -23.33 -8.66
N PHE D 6 28.99 -23.68 -9.49
CA PHE D 6 28.88 -23.13 -10.82
C PHE D 6 27.45 -23.31 -11.31
N SER D 7 27.07 -22.50 -12.29
CA SER D 7 25.73 -22.58 -12.84
C SER D 7 25.69 -22.13 -14.29
N PHE D 8 25.27 -23.02 -15.16
CA PHE D 8 25.15 -22.73 -16.58
C PHE D 8 23.67 -22.82 -16.90
N SER D 9 23.02 -21.66 -17.00
CA SER D 9 21.59 -21.61 -17.31
C SER D 9 21.43 -22.01 -18.78
N GLU D 10 22.58 -22.08 -19.46
CA GLU D 10 22.66 -22.45 -20.86
C GLU D 10 24.14 -22.46 -21.18
N PHE D 11 24.53 -23.17 -22.23
CA PHE D 11 25.94 -23.28 -22.58
C PHE D 11 26.33 -22.40 -23.77
N GLU D 12 27.61 -22.11 -23.91
CA GLU D 12 28.09 -21.30 -25.03
C GLU D 12 29.48 -21.72 -25.49
N PRO D 13 29.66 -21.83 -26.82
CA PRO D 13 30.91 -22.23 -27.46
C PRO D 13 32.15 -21.52 -26.91
N GLY D 14 33.27 -22.24 -26.90
CA GLY D 14 34.52 -21.66 -26.42
C GLY D 14 34.66 -21.51 -24.92
N ASN D 15 33.55 -21.44 -24.21
CA ASN D 15 33.60 -21.27 -22.76
C ASN D 15 34.62 -22.24 -22.15
N ASN D 16 35.69 -21.68 -21.59
CA ASN D 16 36.76 -22.47 -20.99
C ASN D 16 36.47 -23.01 -19.58
N ASP D 17 35.27 -22.76 -19.08
CA ASP D 17 34.90 -23.25 -17.75
C ASP D 17 34.45 -24.70 -17.84
N LEU D 18 34.46 -25.23 -19.06
CA LEU D 18 34.06 -26.61 -19.31
C LEU D 18 35.00 -27.26 -20.31
N THR D 19 35.33 -28.53 -20.08
CA THR D 19 36.19 -29.27 -20.99
C THR D 19 35.31 -30.25 -21.79
N LEU D 20 35.37 -30.16 -23.11
CA LEU D 20 34.60 -31.06 -23.96
C LEU D 20 35.51 -32.21 -24.43
N GLN D 21 34.99 -33.43 -24.33
CA GLN D 21 35.74 -34.61 -24.75
C GLN D 21 34.89 -35.46 -25.68
N GLY D 22 35.55 -36.26 -26.53
CA GLY D 22 34.83 -37.10 -27.46
C GLY D 22 34.06 -36.32 -28.51
N ALA D 23 32.80 -36.73 -28.72
CA ALA D 23 31.94 -36.09 -29.72
C ALA D 23 31.16 -34.88 -29.20
N ALA D 24 31.23 -34.63 -27.90
CA ALA D 24 30.49 -33.52 -27.30
C ALA D 24 30.76 -32.14 -27.92
N ILE D 25 29.69 -31.42 -28.21
CA ILE D 25 29.81 -30.08 -28.77
C ILE D 25 28.73 -29.17 -28.19
N ILE D 26 29.00 -27.88 -28.24
CA ILE D 26 28.04 -26.91 -27.76
C ILE D 26 27.54 -26.15 -28.99
N THR D 27 26.26 -26.31 -29.30
CA THR D 27 25.69 -25.67 -30.46
C THR D 27 25.69 -24.15 -30.28
N GLN D 28 25.51 -23.42 -31.37
CA GLN D 28 25.49 -21.98 -31.28
C GLN D 28 24.28 -21.57 -30.47
N SER D 29 23.24 -22.40 -30.50
CA SER D 29 22.00 -22.11 -29.77
C SER D 29 22.16 -22.37 -28.27
N GLY D 30 23.38 -22.71 -27.85
CA GLY D 30 23.65 -22.94 -26.44
C GLY D 30 23.33 -24.32 -25.90
N VAL D 31 23.19 -25.30 -26.79
CA VAL D 31 22.87 -26.65 -26.37
C VAL D 31 24.08 -27.59 -26.37
N LEU D 32 24.21 -28.37 -25.31
CA LEU D 32 25.31 -29.32 -25.21
C LEU D 32 24.84 -30.66 -25.73
N GLN D 33 25.31 -31.01 -26.93
CA GLN D 33 24.97 -32.29 -27.54
C GLN D 33 26.08 -33.26 -27.15
N LEU D 34 25.79 -34.10 -26.16
CA LEU D 34 26.76 -35.08 -25.67
C LEU D 34 27.22 -36.02 -26.77
N THR D 35 26.27 -36.59 -27.51
CA THR D 35 26.61 -37.50 -28.60
C THR D 35 26.32 -36.81 -29.92
N LYS D 36 27.11 -37.14 -30.93
CA LYS D 36 27.03 -36.53 -32.25
C LYS D 36 25.67 -36.52 -32.95
N ILE D 37 25.36 -35.39 -33.56
CA ILE D 37 24.14 -35.18 -34.31
C ILE D 37 24.55 -34.95 -35.77
N ASN D 38 24.31 -35.93 -36.62
CA ASN D 38 24.68 -35.83 -38.03
C ASN D 38 24.06 -34.66 -38.78
N GLN D 39 24.54 -34.46 -40.00
CA GLN D 39 24.07 -33.38 -40.87
C GLN D 39 22.59 -33.55 -41.19
N ASN D 40 22.13 -34.80 -41.15
CA ASN D 40 20.74 -35.12 -41.42
C ASN D 40 19.85 -34.84 -40.21
N GLY D 41 20.44 -34.32 -39.15
CA GLY D 41 19.70 -34.01 -37.94
C GLY D 41 19.46 -35.22 -37.06
N MET D 42 19.88 -36.39 -37.54
CA MET D 42 19.70 -37.65 -36.81
C MET D 42 20.90 -37.99 -35.92
N PRO D 43 20.62 -38.48 -34.70
CA PRO D 43 21.68 -38.85 -33.76
C PRO D 43 22.51 -40.01 -34.31
N ALA D 44 23.83 -39.87 -34.31
CA ALA D 44 24.70 -40.92 -34.82
C ALA D 44 24.98 -42.00 -33.79
N TRP D 45 25.13 -43.23 -34.28
CA TRP D 45 25.44 -44.35 -33.40
C TRP D 45 26.95 -44.38 -33.23
N ASP D 46 27.44 -45.22 -32.33
CA ASP D 46 28.88 -45.36 -32.10
C ASP D 46 29.50 -44.02 -31.70
N SER D 47 28.75 -43.22 -30.95
CA SER D 47 29.24 -41.92 -30.52
C SER D 47 29.28 -41.79 -28.99
N THR D 48 30.40 -41.31 -28.48
CA THR D 48 30.57 -41.11 -27.05
C THR D 48 31.11 -39.70 -26.85
N GLY D 49 30.59 -39.01 -25.84
CA GLY D 49 31.05 -37.66 -25.57
C GLY D 49 30.80 -37.30 -24.12
N ARG D 50 31.57 -36.34 -23.61
CA ARG D 50 31.41 -35.91 -22.23
C ARG D 50 31.87 -34.47 -22.05
N THR D 51 31.60 -33.93 -20.87
CA THR D 51 31.98 -32.58 -20.52
C THR D 51 32.35 -32.60 -19.04
N LEU D 52 33.52 -32.03 -18.71
CA LEU D 52 33.98 -31.99 -17.33
C LEU D 52 34.16 -30.55 -16.89
N TYR D 53 33.83 -30.26 -15.64
CA TYR D 53 34.02 -28.91 -15.13
C TYR D 53 35.53 -28.70 -15.03
N THR D 54 35.99 -27.50 -15.38
CA THR D 54 37.41 -27.16 -15.37
C THR D 54 38.14 -27.36 -14.05
N LYS D 55 37.59 -26.82 -12.97
CA LYS D 55 38.22 -26.93 -11.65
C LYS D 55 37.86 -28.22 -10.95
N PRO D 56 38.83 -28.81 -10.23
CA PRO D 56 38.61 -30.05 -9.49
C PRO D 56 37.85 -29.76 -8.20
N VAL D 57 37.11 -30.75 -7.70
CA VAL D 57 36.32 -30.59 -6.49
C VAL D 57 36.92 -31.39 -5.33
N HIS D 58 37.13 -30.73 -4.21
CA HIS D 58 37.67 -31.40 -3.03
C HIS D 58 36.49 -32.04 -2.32
N ILE D 59 36.25 -33.32 -2.63
CA ILE D 59 35.11 -34.06 -2.09
C ILE D 59 35.26 -34.52 -0.63
N TRP D 60 36.48 -34.76 -0.19
CA TRP D 60 36.72 -35.14 1.21
C TRP D 60 38.18 -34.93 1.60
N ASP D 61 38.43 -34.70 2.88
CA ASP D 61 39.79 -34.47 3.37
C ASP D 61 40.35 -35.63 4.18
N MET D 62 41.57 -36.02 3.84
CA MET D 62 42.24 -37.13 4.50
C MET D 62 42.83 -36.78 5.87
N THR D 63 43.38 -35.58 6.00
CA THR D 63 43.98 -35.16 7.26
C THR D 63 42.93 -34.92 8.33
N THR D 64 41.76 -34.44 7.91
CA THR D 64 40.67 -34.16 8.84
C THR D 64 39.61 -35.25 8.89
N GLY D 65 39.48 -36.01 7.80
CA GLY D 65 38.50 -37.08 7.77
C GLY D 65 37.11 -36.57 7.43
N THR D 66 37.00 -35.28 7.12
CA THR D 66 35.71 -34.68 6.79
C THR D 66 35.32 -35.02 5.36
N VAL D 67 34.01 -35.09 5.11
CA VAL D 67 33.50 -35.39 3.79
C VAL D 67 32.51 -34.34 3.32
N ALA D 68 32.58 -34.01 2.03
CA ALA D 68 31.71 -32.98 1.48
C ALA D 68 30.30 -33.43 1.10
N SER D 69 29.38 -32.48 1.16
CA SER D 69 28.00 -32.71 0.76
C SER D 69 27.92 -31.94 -0.55
N PHE D 70 27.08 -32.37 -1.47
CA PHE D 70 26.97 -31.67 -2.74
C PHE D 70 25.61 -31.81 -3.37
N GLU D 71 25.37 -30.99 -4.39
CA GLU D 71 24.11 -31.02 -5.11
C GLU D 71 24.38 -30.66 -6.57
N THR D 72 23.69 -31.32 -7.48
CA THR D 72 23.86 -31.02 -8.89
C THR D 72 22.52 -31.12 -9.60
N ARG D 73 22.27 -30.18 -10.50
CA ARG D 73 21.01 -30.14 -11.24
C ARG D 73 21.29 -29.87 -12.70
N PHE D 74 20.48 -30.46 -13.56
CA PHE D 74 20.59 -30.25 -14.99
C PHE D 74 19.32 -30.70 -15.71
N SER D 75 19.14 -30.17 -16.90
CA SER D 75 17.99 -30.48 -17.74
C SER D 75 18.48 -31.14 -19.02
N PHE D 76 17.78 -32.17 -19.46
CA PHE D 76 18.17 -32.88 -20.67
C PHE D 76 16.95 -33.44 -21.40
N SER D 77 17.18 -33.86 -22.64
CA SER D 77 16.14 -34.45 -23.45
C SER D 77 16.74 -35.55 -24.32
N ILE D 78 15.96 -36.62 -24.51
CA ILE D 78 16.40 -37.75 -25.32
C ILE D 78 15.33 -38.05 -26.34
N GLU D 79 15.72 -38.11 -27.60
CA GLU D 79 14.80 -38.42 -28.69
C GLU D 79 15.20 -39.76 -29.30
N GLN D 80 14.23 -40.66 -29.40
CA GLN D 80 14.47 -41.99 -29.96
C GLN D 80 13.69 -42.08 -31.26
N PRO D 81 14.35 -41.82 -32.40
CA PRO D 81 13.76 -41.84 -33.74
C PRO D 81 13.43 -43.20 -34.36
N TYR D 82 14.04 -44.28 -33.88
CA TYR D 82 13.79 -45.58 -34.46
C TYR D 82 13.18 -46.63 -33.53
N THR D 83 12.32 -47.47 -34.11
CA THR D 83 11.67 -48.54 -33.38
C THR D 83 12.71 -49.65 -33.23
N ARG D 84 13.56 -49.78 -34.26
CA ARG D 84 14.62 -50.76 -34.26
C ARG D 84 15.73 -50.25 -35.17
N PRO D 85 16.99 -50.55 -34.82
CA PRO D 85 17.31 -51.31 -33.61
C PRO D 85 16.90 -50.50 -32.39
N LEU D 86 16.82 -51.14 -31.23
CA LEU D 86 16.42 -50.45 -30.00
C LEU D 86 17.36 -49.28 -29.72
N PRO D 87 16.81 -48.12 -29.31
CA PRO D 87 17.66 -47.26 -28.70
C PRO D 87 18.71 -47.50 -27.80
N ALA D 88 19.84 -46.71 -27.67
CA ALA D 88 20.82 -46.91 -26.75
C ALA D 88 21.62 -45.66 -26.85
N ASP D 89 22.43 -45.51 -25.80
CA ASP D 89 22.55 -46.30 -24.57
C ASP D 89 22.20 -45.60 -23.32
N GLY D 90 22.44 -44.21 -23.47
CA GLY D 90 22.19 -43.38 -22.31
C GLY D 90 23.08 -42.12 -22.08
N LEU D 91 22.78 -41.47 -20.96
CA LEU D 91 23.63 -40.42 -20.42
C LEU D 91 23.77 -40.57 -18.91
N VAL D 92 24.74 -39.87 -18.34
CA VAL D 92 25.00 -39.97 -16.92
C VAL D 92 25.82 -38.81 -16.34
N PHE D 93 25.70 -38.64 -15.02
CA PHE D 93 26.45 -37.64 -14.27
C PHE D 93 27.48 -38.46 -13.51
N PHE D 94 28.74 -38.02 -13.48
CA PHE D 94 29.75 -38.79 -12.78
C PHE D 94 30.78 -38.00 -12.00
N MET D 95 31.42 -38.68 -11.06
CA MET D 95 32.46 -38.12 -10.21
C MET D 95 33.55 -39.19 -10.13
N GLY D 96 34.77 -38.83 -10.48
CA GLY D 96 35.87 -39.78 -10.45
C GLY D 96 37.23 -39.12 -10.44
N PRO D 97 38.31 -39.88 -10.64
CA PRO D 97 39.67 -39.33 -10.65
C PRO D 97 39.84 -38.18 -11.65
N THR D 98 40.56 -37.14 -11.24
CA THR D 98 40.79 -35.98 -12.11
C THR D 98 41.68 -36.35 -13.30
N LYS D 99 41.73 -35.46 -14.28
CA LYS D 99 42.55 -35.66 -15.48
C LYS D 99 42.24 -36.99 -16.17
N SER D 100 40.95 -37.32 -16.25
CA SER D 100 40.54 -38.56 -16.89
C SER D 100 40.04 -38.32 -18.31
N LYS D 101 40.10 -39.37 -19.11
CA LYS D 101 39.64 -39.32 -20.49
C LYS D 101 38.40 -40.22 -20.55
N PRO D 102 37.54 -40.03 -21.55
CA PRO D 102 36.37 -40.88 -21.63
C PRO D 102 36.75 -42.35 -21.56
N ALA D 103 35.89 -43.15 -20.93
CA ALA D 103 36.13 -44.59 -20.80
C ALA D 103 35.42 -45.27 -21.96
N GLN D 104 35.15 -46.57 -21.83
CA GLN D 104 34.47 -47.31 -22.89
C GLN D 104 33.08 -46.74 -23.14
N GLY D 105 32.60 -46.89 -24.37
CA GLY D 105 31.28 -46.37 -24.72
C GLY D 105 30.15 -47.39 -24.64
N TYR D 106 29.15 -47.21 -25.49
CA TYR D 106 28.00 -48.10 -25.52
C TYR D 106 27.37 -48.17 -24.13
N GLY D 107 27.12 -49.39 -23.66
CA GLY D 107 26.51 -49.59 -22.36
C GLY D 107 27.33 -49.12 -21.16
N TYR D 108 28.60 -48.80 -21.37
CA TYR D 108 29.45 -48.34 -20.28
C TYR D 108 29.35 -46.83 -20.14
N LEU D 109 28.52 -46.23 -20.99
CA LEU D 109 28.25 -44.80 -20.96
C LEU D 109 29.46 -43.87 -20.92
N GLY D 110 30.61 -44.38 -21.33
CA GLY D 110 31.82 -43.57 -21.33
C GLY D 110 32.35 -43.27 -19.94
N VAL D 111 31.94 -44.08 -18.97
CA VAL D 111 32.36 -43.91 -17.58
C VAL D 111 33.06 -45.14 -17.00
N PHE D 112 32.70 -46.32 -17.48
CA PHE D 112 33.32 -47.56 -17.01
C PHE D 112 33.93 -48.32 -18.20
N ASN D 113 34.61 -49.43 -17.93
CA ASN D 113 35.24 -50.20 -19.00
C ASN D 113 34.71 -51.62 -19.22
N ASN D 114 34.14 -52.22 -18.19
CA ASN D 114 33.57 -53.57 -18.30
C ASN D 114 32.39 -53.75 -17.34
N SER D 115 32.01 -54.99 -17.07
CA SER D 115 30.88 -55.27 -16.18
C SER D 115 31.32 -55.63 -14.76
N LYS D 116 32.64 -55.63 -14.53
CA LYS D 116 33.20 -55.95 -13.22
C LYS D 116 32.99 -54.80 -12.24
N GLN D 117 33.00 -55.13 -10.95
CA GLN D 117 32.81 -54.12 -9.91
C GLN D 117 34.16 -53.64 -9.38
N ASP D 118 35.08 -53.32 -10.31
CA ASP D 118 36.42 -52.86 -9.94
C ASP D 118 36.41 -51.58 -9.12
N ASN D 119 37.05 -51.62 -7.94
CA ASN D 119 37.10 -50.47 -7.05
C ASN D 119 38.05 -49.37 -7.53
N SER D 120 39.01 -49.74 -8.38
CA SER D 120 39.98 -48.78 -8.89
C SER D 120 39.29 -47.62 -9.62
N TYR D 121 38.11 -47.89 -10.17
CA TYR D 121 37.36 -46.85 -10.88
C TYR D 121 37.24 -45.60 -10.00
N GLN D 122 37.00 -45.82 -8.71
CA GLN D 122 36.84 -44.74 -7.75
C GLN D 122 35.86 -43.75 -8.37
N THR D 123 34.83 -44.29 -9.03
CA THR D 123 33.83 -43.48 -9.70
C THR D 123 32.42 -43.64 -9.15
N LEU D 124 31.73 -42.51 -9.05
CA LEU D 124 30.36 -42.43 -8.58
C LEU D 124 29.57 -41.84 -9.73
N ALA D 125 28.42 -42.44 -10.06
CA ALA D 125 27.61 -41.94 -11.15
C ALA D 125 26.13 -42.24 -11.02
N VAL D 126 25.32 -41.32 -11.52
CA VAL D 126 23.87 -41.47 -11.52
C VAL D 126 23.56 -41.54 -13.00
N GLU D 127 23.07 -42.69 -13.45
CA GLU D 127 22.74 -42.90 -14.86
C GLU D 127 21.26 -42.81 -15.20
N PHE D 128 21.02 -42.62 -16.49
CA PHE D 128 19.69 -42.53 -17.07
C PHE D 128 19.91 -43.42 -18.28
N ASP D 129 19.71 -44.70 -18.02
CA ASP D 129 19.92 -45.81 -18.94
C ASP D 129 18.76 -46.11 -19.87
N THR D 130 19.03 -46.15 -21.18
CA THR D 130 17.98 -46.40 -22.17
C THR D 130 18.02 -47.75 -22.88
N PHE D 131 19.08 -48.53 -22.68
CA PHE D 131 19.20 -49.83 -23.34
C PHE D 131 19.50 -50.92 -22.33
N SER D 132 18.70 -51.99 -22.31
CA SER D 132 18.95 -53.03 -21.33
C SER D 132 20.04 -54.03 -21.72
N ASN D 133 21.21 -53.88 -21.09
CA ASN D 133 22.34 -54.78 -21.32
C ASN D 133 22.13 -56.00 -20.43
N PRO D 134 23.04 -57.00 -20.47
CA PRO D 134 22.89 -58.20 -19.65
C PRO D 134 22.91 -57.95 -18.14
N TRP D 135 23.56 -56.87 -17.72
CA TRP D 135 23.67 -56.53 -16.30
C TRP D 135 22.56 -55.60 -15.79
N ASP D 136 21.67 -55.18 -16.69
CA ASP D 136 20.56 -54.29 -16.33
C ASP D 136 19.25 -54.99 -16.09
N PRO D 137 18.34 -54.32 -15.36
CA PRO D 137 17.03 -54.92 -15.11
C PRO D 137 16.35 -54.89 -16.47
N PRO D 138 15.18 -55.51 -16.61
CA PRO D 138 14.52 -55.48 -17.93
C PRO D 138 13.88 -54.15 -18.32
N GLN D 139 13.59 -53.31 -17.33
CA GLN D 139 12.95 -52.02 -17.60
C GLN D 139 13.88 -50.90 -18.01
N VAL D 140 13.59 -50.29 -19.15
CA VAL D 140 14.36 -49.14 -19.64
C VAL D 140 13.37 -48.16 -20.26
N PRO D 141 13.62 -46.85 -20.12
CA PRO D 141 14.79 -46.34 -19.41
C PRO D 141 14.62 -46.45 -17.90
N HIS D 142 15.71 -46.29 -17.18
CA HIS D 142 15.66 -46.34 -15.73
C HIS D 142 16.80 -45.51 -15.16
N ILE D 143 16.64 -45.09 -13.91
CA ILE D 143 17.65 -44.33 -13.22
C ILE D 143 18.50 -45.38 -12.51
N GLY D 144 19.78 -45.08 -12.34
CA GLY D 144 20.65 -46.02 -11.66
C GLY D 144 21.75 -45.33 -10.89
N ILE D 145 22.02 -45.83 -9.70
CA ILE D 145 23.10 -45.29 -8.87
C ILE D 145 24.23 -46.28 -9.06
N ASP D 146 25.34 -45.81 -9.63
CA ASP D 146 26.49 -46.69 -9.89
C ASP D 146 27.69 -46.36 -9.01
N VAL D 147 28.18 -47.37 -8.30
CA VAL D 147 29.33 -47.22 -7.42
C VAL D 147 30.45 -48.16 -7.90
N ASN D 148 31.44 -47.59 -8.56
CA ASN D 148 32.57 -48.37 -9.07
C ASN D 148 32.18 -49.52 -10.02
N SER D 149 31.01 -49.39 -10.64
CA SER D 149 30.53 -50.41 -11.56
C SER D 149 29.37 -49.93 -12.42
N ILE D 150 29.25 -50.51 -13.61
CA ILE D 150 28.17 -50.17 -14.50
C ILE D 150 26.91 -50.89 -14.00
N ARG D 151 27.13 -51.91 -13.16
CA ARG D 151 26.01 -52.67 -12.59
C ARG D 151 25.53 -51.91 -11.36
N SER D 152 24.50 -51.09 -11.55
CA SER D 152 23.92 -50.27 -10.47
C SER D 152 23.67 -51.01 -9.17
N ILE D 153 23.79 -50.28 -8.07
CA ILE D 153 23.54 -50.86 -6.75
C ILE D 153 22.05 -50.69 -6.46
N LYS D 154 21.41 -49.86 -7.28
CA LYS D 154 19.98 -49.58 -7.15
C LYS D 154 19.47 -48.98 -8.46
N THR D 155 18.28 -49.41 -8.89
CA THR D 155 17.68 -48.89 -10.12
C THR D 155 16.23 -48.45 -9.89
N GLN D 156 15.75 -47.60 -10.79
CA GLN D 156 14.38 -47.09 -10.72
C GLN D 156 13.89 -46.83 -12.13
N PRO D 157 12.98 -47.68 -12.63
CA PRO D 157 12.43 -47.53 -13.98
C PRO D 157 11.61 -46.26 -14.14
N PHE D 158 11.63 -45.68 -15.34
CA PHE D 158 10.84 -44.51 -15.62
C PHE D 158 10.49 -44.46 -17.10
N GLN D 159 9.35 -43.85 -17.40
CA GLN D 159 8.90 -43.73 -18.77
C GLN D 159 9.54 -42.49 -19.39
N LEU D 160 10.11 -42.66 -20.57
CA LEU D 160 10.73 -41.54 -21.27
C LEU D 160 9.63 -40.70 -21.90
N ASP D 161 9.78 -39.38 -21.85
CA ASP D 161 8.83 -38.48 -22.47
C ASP D 161 9.65 -37.99 -23.65
N ASN D 162 9.62 -38.75 -24.74
CA ASN D 162 10.38 -38.45 -25.93
C ASN D 162 10.49 -36.97 -26.34
N GLY D 163 11.73 -36.49 -26.41
CA GLY D 163 11.97 -35.12 -26.81
C GLY D 163 11.64 -34.04 -25.79
N GLN D 164 11.02 -34.43 -24.68
CA GLN D 164 10.66 -33.46 -23.66
C GLN D 164 11.81 -33.24 -22.69
N VAL D 165 11.89 -32.03 -22.16
CA VAL D 165 12.94 -31.70 -21.20
C VAL D 165 12.65 -32.34 -19.86
N ALA D 166 13.69 -32.94 -19.28
CA ALA D 166 13.58 -33.58 -17.98
C ALA D 166 14.47 -32.80 -17.02
N ASN D 167 13.96 -32.55 -15.81
CA ASN D 167 14.73 -31.84 -14.80
C ASN D 167 15.25 -32.86 -13.78
N VAL D 168 16.57 -32.88 -13.61
CA VAL D 168 17.22 -33.79 -12.69
C VAL D 168 17.84 -33.08 -11.48
N VAL D 169 17.56 -33.61 -10.29
CA VAL D 169 18.10 -33.08 -9.06
C VAL D 169 18.81 -34.23 -8.36
N ILE D 170 20.09 -34.04 -8.07
CA ILE D 170 20.89 -35.05 -7.40
C ILE D 170 21.54 -34.42 -6.17
N LYS D 171 21.35 -35.02 -5.00
CA LYS D 171 21.93 -34.44 -3.80
C LYS D 171 22.56 -35.49 -2.89
N TYR D 172 23.72 -35.15 -2.34
CA TYR D 172 24.44 -36.02 -1.44
C TYR D 172 24.64 -35.37 -0.07
N ASP D 173 24.19 -36.06 0.97
CA ASP D 173 24.33 -35.56 2.33
C ASP D 173 25.37 -36.44 3.02
N ALA D 174 26.51 -35.86 3.34
CA ALA D 174 27.61 -36.59 3.96
C ALA D 174 27.30 -37.16 5.35
N SER D 175 26.51 -36.44 6.15
CA SER D 175 26.20 -36.93 7.50
C SER D 175 25.40 -38.23 7.48
N SER D 176 24.42 -38.32 6.58
CA SER D 176 23.60 -39.52 6.50
C SER D 176 24.11 -40.49 5.47
N LYS D 177 25.02 -40.03 4.62
CA LYS D 177 25.58 -40.85 3.54
C LYS D 177 24.54 -41.21 2.51
N ILE D 178 23.50 -40.39 2.42
CA ILE D 178 22.41 -40.60 1.47
C ILE D 178 22.65 -39.91 0.14
N LEU D 179 22.55 -40.68 -0.95
CA LEU D 179 22.68 -40.10 -2.28
C LEU D 179 21.29 -40.20 -2.89
N LEU D 180 20.71 -39.03 -3.21
CA LEU D 180 19.37 -38.99 -3.78
C LEU D 180 19.34 -38.39 -5.18
N ALA D 181 18.45 -38.94 -6.01
CA ALA D 181 18.29 -38.45 -7.36
C ALA D 181 16.80 -38.39 -7.69
N VAL D 182 16.39 -37.28 -8.30
CA VAL D 182 15.00 -37.06 -8.68
C VAL D 182 14.92 -36.54 -10.11
N LEU D 183 13.95 -37.05 -10.86
CA LEU D 183 13.73 -36.64 -12.25
C LEU D 183 12.28 -36.23 -12.43
N VAL D 184 12.08 -35.02 -12.96
CA VAL D 184 10.75 -34.47 -13.18
C VAL D 184 10.54 -34.10 -14.64
N TYR D 185 9.35 -34.41 -15.17
CA TYR D 185 9.00 -34.03 -16.54
C TYR D 185 7.92 -32.96 -16.43
N PRO D 186 8.29 -31.68 -16.60
CA PRO D 186 7.29 -30.60 -16.51
C PRO D 186 6.12 -30.81 -17.48
N SER D 187 6.40 -31.46 -18.59
CA SER D 187 5.40 -31.74 -19.61
C SER D 187 4.24 -32.61 -19.11
N SER D 188 4.56 -33.65 -18.34
CA SER D 188 3.53 -34.56 -17.84
C SER D 188 3.37 -34.48 -16.33
N GLY D 189 4.33 -33.85 -15.66
CA GLY D 189 4.27 -33.73 -14.21
C GLY D 189 4.76 -35.00 -13.52
N ALA D 190 5.26 -35.95 -14.30
CA ALA D 190 5.77 -37.20 -13.75
C ALA D 190 7.00 -36.95 -12.88
N ILE D 191 7.03 -37.60 -11.73
CA ILE D 191 8.14 -37.46 -10.79
C ILE D 191 8.67 -38.86 -10.49
N TYR D 192 10.00 -38.98 -10.45
CA TYR D 192 10.63 -40.27 -10.14
C TYR D 192 11.71 -40.02 -9.11
N THR D 193 11.90 -40.95 -8.18
CA THR D 193 12.92 -40.79 -7.16
C THR D 193 13.69 -42.07 -6.95
N ILE D 194 14.92 -41.92 -6.48
CA ILE D 194 15.79 -43.06 -6.19
C ILE D 194 16.84 -42.61 -5.17
N ALA D 195 17.17 -43.49 -4.24
CA ALA D 195 18.15 -43.15 -3.22
C ALA D 195 18.82 -44.38 -2.65
N GLU D 196 20.05 -44.21 -2.17
CA GLU D 196 20.78 -45.31 -1.58
C GLU D 196 21.93 -44.77 -0.73
N ILE D 197 22.57 -45.66 0.03
CA ILE D 197 23.68 -45.28 0.88
C ILE D 197 24.98 -45.38 0.12
N VAL D 198 25.74 -44.28 0.10
CA VAL D 198 27.02 -44.24 -0.57
C VAL D 198 28.04 -43.54 0.31
N ASP D 199 29.13 -44.24 0.62
CA ASP D 199 30.20 -43.70 1.45
C ASP D 199 31.29 -43.17 0.54
N VAL D 200 31.13 -41.93 0.07
CA VAL D 200 32.11 -41.33 -0.85
C VAL D 200 33.56 -41.37 -0.36
N LYS D 201 33.75 -41.47 0.95
CA LYS D 201 35.08 -41.52 1.52
C LYS D 201 35.79 -42.81 1.14
N GLN D 202 34.99 -43.86 0.91
CA GLN D 202 35.55 -45.15 0.55
C GLN D 202 35.49 -45.41 -0.95
N VAL D 203 34.67 -44.65 -1.67
CA VAL D 203 34.53 -44.84 -3.11
C VAL D 203 35.36 -43.88 -3.96
N LEU D 204 35.27 -42.59 -3.67
CA LEU D 204 35.97 -41.59 -4.44
C LEU D 204 37.32 -41.16 -3.89
N PRO D 205 38.17 -40.57 -4.74
CA PRO D 205 39.48 -40.11 -4.31
C PRO D 205 39.25 -38.73 -3.68
N GLU D 206 40.24 -38.21 -2.97
CA GLU D 206 40.09 -36.91 -2.33
C GLU D 206 39.57 -35.83 -3.28
N TRP D 207 40.23 -35.68 -4.41
CA TRP D 207 39.82 -34.68 -5.39
C TRP D 207 39.22 -35.42 -6.58
N VAL D 208 38.17 -34.86 -7.14
CA VAL D 208 37.53 -35.48 -8.28
C VAL D 208 37.06 -34.44 -9.29
N ASP D 209 36.85 -34.90 -10.51
CA ASP D 209 36.31 -34.04 -11.55
C ASP D 209 34.85 -34.47 -11.57
N VAL D 210 33.95 -33.52 -11.82
CA VAL D 210 32.53 -33.83 -11.89
C VAL D 210 32.19 -33.61 -13.36
N GLY D 211 31.28 -34.42 -13.90
CA GLY D 211 30.94 -34.26 -15.30
C GLY D 211 29.71 -35.01 -15.79
N LEU D 212 29.41 -34.82 -17.08
CA LEU D 212 28.28 -35.46 -17.74
C LEU D 212 28.82 -36.23 -18.93
N SER D 213 28.20 -37.37 -19.24
CA SER D 213 28.66 -38.19 -20.36
C SER D 213 27.50 -38.93 -21.01
N GLY D 214 27.60 -39.11 -22.32
CA GLY D 214 26.57 -39.80 -23.07
C GLY D 214 27.17 -40.71 -24.13
N ALA D 215 26.41 -41.72 -24.55
CA ALA D 215 26.88 -42.65 -25.57
C ALA D 215 25.74 -43.29 -26.35
N THR D 216 25.99 -43.57 -27.64
CA THR D 216 25.01 -44.22 -28.49
C THR D 216 25.45 -45.65 -28.82
N GLY D 217 24.55 -46.39 -29.44
CA GLY D 217 24.77 -47.80 -29.77
C GLY D 217 25.97 -48.32 -30.56
N ALA D 218 26.13 -49.64 -30.50
CA ALA D 218 27.21 -50.35 -31.16
C ALA D 218 26.85 -50.80 -32.58
N GLN D 219 25.57 -50.72 -32.94
CA GLN D 219 25.16 -51.11 -34.30
C GLN D 219 24.50 -49.92 -34.99
N ARG D 220 24.48 -49.94 -36.32
CA ARG D 220 23.90 -48.84 -37.06
C ARG D 220 22.51 -48.46 -36.60
N ASP D 221 22.29 -47.15 -36.50
CA ASP D 221 21.03 -46.55 -36.10
C ASP D 221 20.57 -46.85 -34.67
N ALA D 222 21.37 -47.61 -33.92
CA ALA D 222 21.03 -47.87 -32.51
C ALA D 222 21.52 -46.59 -31.84
N ALA D 223 20.66 -45.57 -31.83
CA ALA D 223 21.06 -44.30 -31.24
C ALA D 223 19.90 -43.42 -30.80
N GLU D 224 20.26 -42.31 -30.18
CA GLU D 224 19.31 -41.34 -29.66
C GLU D 224 20.10 -40.09 -29.27
N THR D 225 19.40 -38.98 -29.11
CA THR D 225 20.03 -37.74 -28.71
C THR D 225 20.29 -37.79 -27.20
N HIS D 226 21.22 -36.93 -26.76
CA HIS D 226 21.56 -36.81 -25.35
C HIS D 226 21.93 -35.34 -25.16
N ASP D 227 20.94 -34.48 -25.34
CA ASP D 227 21.15 -33.04 -25.22
C ASP D 227 20.87 -32.50 -23.82
N VAL D 228 21.76 -31.65 -23.35
CA VAL D 228 21.64 -31.01 -22.03
C VAL D 228 21.45 -29.52 -22.30
N TYR D 229 20.58 -28.88 -21.53
CA TYR D 229 20.30 -27.45 -21.73
C TYR D 229 20.91 -26.56 -20.64
N SER D 230 21.13 -27.15 -19.47
CA SER D 230 21.68 -26.41 -18.34
C SER D 230 22.34 -27.38 -17.35
N TRP D 231 23.13 -26.84 -16.44
CA TRP D 231 23.82 -27.66 -15.46
C TRP D 231 24.40 -26.80 -14.34
N SER D 232 24.08 -27.17 -13.10
CA SER D 232 24.61 -26.44 -11.94
C SER D 232 25.18 -27.45 -10.96
N PHE D 233 26.09 -27.01 -10.10
CA PHE D 233 26.71 -27.88 -9.12
C PHE D 233 27.20 -27.09 -7.91
N HIS D 234 27.13 -27.72 -6.74
CA HIS D 234 27.57 -27.08 -5.52
C HIS D 234 28.06 -28.12 -4.52
N ALA D 235 29.26 -27.88 -3.98
CA ALA D 235 29.86 -28.80 -3.01
C ALA D 235 30.42 -28.01 -1.84
N SER D 236 30.31 -28.58 -0.63
CA SER D 236 30.81 -27.94 0.58
C SER D 236 31.56 -28.93 1.45
N LEU D 237 32.81 -28.60 1.76
CA LEU D 237 33.64 -29.47 2.60
C LEU D 237 33.83 -28.83 3.97
N PRO D 238 33.24 -29.43 5.02
CA PRO D 238 33.38 -28.89 6.36
C PRO D 238 34.82 -28.90 6.85
N GLU D 239 35.32 -27.74 7.25
CA GLU D 239 36.69 -27.61 7.73
C GLU D 239 36.73 -27.63 9.25
N THR D 240 36.85 -28.83 9.82
CA THR D 240 36.90 -29.00 11.26
C THR D 240 38.30 -28.64 11.78
N ASN D 241 38.68 -27.45 11.64
C1 GOL E . -25.60 49.29 -18.16
O1 GOL E . -26.34 49.14 -16.74
C2 GOL E . -26.00 48.69 -19.35
O2 GOL E . -26.48 47.45 -19.15
C3 GOL E . -25.80 49.45 -20.27
O3 GOL E . -25.36 50.71 -21.09
CA CA F . -24.04 48.23 -11.85
MN MN G . -23.29 47.92 -7.65
C1 GOL H . -0.49 23.12 26.87
O1 GOL H . -0.98 24.62 26.53
C2 GOL H . 0.56 22.43 26.25
O2 GOL H . 0.23 21.17 25.94
C3 GOL H . 1.51 23.16 26.17
O3 GOL H . 2.40 24.42 26.30
CA CA I . -4.88 26.39 23.08
MN MN J . -8.05 28.72 21.43
CA CA K . 6.24 -24.34 12.99
MN MN L . 9.04 -27.12 11.61
C1 GOL M . 25.26 -52.95 -26.64
O1 GOL M . 26.63 -53.56 -26.04
C2 GOL M . 24.72 -51.72 -26.30
O2 GOL M . 24.73 -51.52 -24.97
C3 GOL M . 24.38 -51.13 -27.31
O3 GOL M . 24.14 -50.82 -28.82
CA CA N . 22.51 -50.19 -20.23
MN MN O . 21.63 -49.52 -16.11
#